data_5IL7
#
_entry.id   5IL7
#
_cell.length_a   53.223
_cell.length_b   98.941
_cell.length_c   155.397
_cell.angle_alpha   90.00
_cell.angle_beta   90.00
_cell.angle_gamma   90.00
#
_symmetry.space_group_name_H-M   'P 21 21 21'
#
loop_
_entity.id
_entity.type
_entity.pdbx_description
1 polymer 'Rab family protein'
2 water water
#
_entity_poly.entity_id   1
_entity_poly.type   'polypeptide(L)'
_entity_poly.pdbx_seq_one_letter_code
;GAMGGSMSDLDVIRQIEQELGMQLEPVDKLKWYSKGYKLDKDQRVTAIGLYDCGSDTLDRIIQPLESLKSLSELSLSSNQ
ITDISPLASLNSLSMLWLDRNQITDIAPLASLNSLSMLWLFGNKISDIAPLESLKSLTELQLSSNQITDIAPLASLKSLT
ELSLSGNNISDIAPLESLKSLTELSLSSNQITDIAPLASLKSLTELSLSSNQISDIAPLESLKSLTELQLSRNQISDIAP
LESLKSLTELQLSSNQITDIAPLASLKSLTELQLSRNQISDIAPLESLNSLSKLWLNGNQITDIAPLASLNSLTELELSS
NQITDIAPLASLKSLSTLWLSSNQISDIAPLASLESLSELSLSSNQISDISPLASLNSLTGFDVRRNPIKRLPETITGFD
MEILWNDFSSSGFITFFDNPLESPPPEIVKQGKEAVRQYFQSIEEAR
;
_entity_poly.pdbx_strand_id   A,B
#
# COMPACT_ATOMS: atom_id res chain seq x y z
N SER A 8 16.91 48.55 -14.53
CA SER A 8 15.76 48.04 -13.71
C SER A 8 16.03 46.62 -13.22
N ASP A 9 15.23 46.18 -12.26
CA ASP A 9 15.38 44.84 -11.67
C ASP A 9 15.26 43.72 -12.70
N LEU A 10 14.36 43.87 -13.67
CA LEU A 10 14.18 42.87 -14.72
C LEU A 10 15.40 42.82 -15.64
N ASP A 11 16.01 43.98 -15.91
CA ASP A 11 17.24 44.05 -16.72
C ASP A 11 18.41 43.33 -16.05
N VAL A 12 18.39 43.26 -14.72
CA VAL A 12 19.41 42.53 -13.99
C VAL A 12 19.18 41.02 -14.12
N ILE A 13 17.91 40.61 -14.15
CA ILE A 13 17.57 39.20 -14.41
C ILE A 13 18.17 38.77 -15.75
N ARG A 14 18.05 39.64 -16.75
CA ARG A 14 18.63 39.40 -18.07
C ARG A 14 20.14 39.16 -17.99
N GLN A 15 20.84 39.97 -17.20
CA GLN A 15 22.29 39.84 -17.02
C GLN A 15 22.67 38.53 -16.34
N ILE A 16 21.92 38.17 -15.30
CA ILE A 16 22.15 36.91 -14.57
C ILE A 16 21.94 35.72 -15.51
N GLU A 17 20.80 35.71 -16.21
CA GLU A 17 20.51 34.68 -17.22
C GLU A 17 21.65 34.56 -18.23
N GLN A 18 22.07 35.71 -18.75
CA GLN A 18 23.15 35.80 -19.73
C GLN A 18 24.48 35.24 -19.18
N GLU A 19 24.83 35.67 -17.97
CA GLU A 19 26.09 35.26 -17.33
C GLU A 19 26.12 33.76 -17.03
N LEU A 20 24.99 33.19 -16.66
CA LEU A 20 24.89 31.76 -16.33
C LEU A 20 24.55 30.89 -17.54
N GLY A 21 24.03 31.50 -18.61
CA GLY A 21 23.62 30.76 -19.79
C GLY A 21 22.48 29.81 -19.45
N MET A 22 21.42 30.38 -18.89
CA MET A 22 20.24 29.62 -18.46
C MET A 22 19.00 30.49 -18.58
N GLN A 23 17.86 29.94 -18.18
CA GLN A 23 16.59 30.66 -18.25
C GLN A 23 15.90 30.68 -16.89
N LEU A 24 15.51 31.86 -16.45
CA LEU A 24 14.79 32.05 -15.20
C LEU A 24 13.38 32.54 -15.52
N GLU A 25 12.39 31.99 -14.83
CA GLU A 25 10.99 32.28 -15.12
C GLU A 25 10.26 32.83 -13.89
N PRO A 26 9.24 33.66 -14.11
CA PRO A 26 8.47 34.20 -12.98
C PRO A 26 7.65 33.13 -12.26
N VAL A 27 7.55 33.27 -10.94
CA VAL A 27 6.71 32.39 -10.14
C VAL A 27 5.92 33.24 -9.16
N ASP A 28 4.85 32.69 -8.60
CA ASP A 28 4.09 33.39 -7.58
C ASP A 28 4.68 33.14 -6.19
N LYS A 29 5.46 32.07 -6.06
CA LYS A 29 6.08 31.70 -4.79
C LYS A 29 7.40 31.01 -5.08
N LEU A 30 8.48 31.56 -4.52
CA LEU A 30 9.81 30.99 -4.69
C LEU A 30 9.88 29.71 -3.86
N LYS A 31 10.38 28.63 -4.45
CA LYS A 31 10.62 27.39 -3.73
C LYS A 31 12.12 27.08 -3.74
N TRP A 32 12.55 26.20 -2.84
CA TRP A 32 13.98 25.91 -2.72
C TRP A 32 14.61 25.36 -4.01
N TYR A 33 13.80 24.68 -4.82
CA TYR A 33 14.26 24.12 -6.09
C TYR A 33 13.89 25.01 -7.28
N SER A 34 13.59 26.29 -7.04
CA SER A 34 13.19 27.18 -8.12
C SER A 34 14.37 27.63 -8.95
N LYS A 35 14.14 27.76 -10.26
CA LYS A 35 15.09 28.43 -11.15
C LYS A 35 14.33 29.59 -11.73
N GLY A 36 14.05 30.59 -10.89
CA GLY A 36 13.23 31.72 -11.30
C GLY A 36 13.33 32.93 -10.39
N TYR A 37 12.32 33.80 -10.50
CA TYR A 37 12.26 35.01 -9.70
C TYR A 37 10.82 35.37 -9.47
N LYS A 38 10.58 36.26 -8.52
CA LYS A 38 9.24 36.80 -8.27
C LYS A 38 9.29 38.32 -8.36
N LEU A 39 8.30 38.90 -9.04
CA LEU A 39 8.21 40.35 -9.19
C LEU A 39 7.12 40.95 -8.30
N ASP A 40 7.33 42.20 -7.90
CA ASP A 40 6.39 42.93 -7.07
C ASP A 40 5.43 43.73 -7.98
N LYS A 41 4.43 44.36 -7.37
CA LYS A 41 3.50 45.23 -8.10
C LYS A 41 4.18 46.47 -8.69
N ASP A 42 5.41 46.75 -8.26
CA ASP A 42 6.25 47.79 -8.87
C ASP A 42 7.34 47.19 -9.78
N GLN A 43 7.15 45.93 -10.19
CA GLN A 43 8.09 45.23 -11.09
C GLN A 43 9.50 45.11 -10.50
N ARG A 44 9.59 44.88 -9.19
CA ARG A 44 10.88 44.72 -8.51
C ARG A 44 11.08 43.30 -7.96
N VAL A 45 12.26 42.76 -8.17
CA VAL A 45 12.58 41.38 -7.80
C VAL A 45 12.66 41.19 -6.28
N THR A 46 11.64 40.53 -5.72
CA THR A 46 11.59 40.24 -4.29
C THR A 46 12.17 38.86 -3.96
N ALA A 47 12.35 38.03 -4.98
CA ALA A 47 12.90 36.69 -4.77
C ALA A 47 13.64 36.21 -5.99
N ILE A 48 14.66 35.38 -5.75
CA ILE A 48 15.38 34.74 -6.85
C ILE A 48 15.88 33.36 -6.41
N GLY A 49 15.58 32.35 -7.24
CA GLY A 49 16.05 30.99 -7.02
C GLY A 49 17.07 30.62 -8.09
N LEU A 50 18.22 30.11 -7.65
CA LEU A 50 19.27 29.63 -8.54
C LEU A 50 19.71 28.24 -8.11
N TYR A 51 18.71 27.37 -8.00
CA TYR A 51 18.90 25.98 -7.61
C TYR A 51 19.66 25.20 -8.68
N ASP A 52 20.73 24.54 -8.26
CA ASP A 52 21.45 23.55 -9.07
C ASP A 52 21.98 24.16 -10.38
N CYS A 53 22.84 25.17 -10.23
CA CYS A 53 23.47 25.82 -11.38
C CYS A 53 24.98 25.56 -11.45
N GLY A 54 25.62 25.38 -10.30
CA GLY A 54 27.06 25.09 -10.24
C GLY A 54 27.72 25.71 -9.02
N SER A 55 28.87 25.18 -8.61
CA SER A 55 29.59 25.67 -7.42
C SER A 55 30.13 27.10 -7.58
N ASP A 56 30.27 27.54 -8.81
CA ASP A 56 30.70 28.90 -9.15
C ASP A 56 29.60 29.95 -8.97
N THR A 57 28.35 29.50 -8.83
CA THR A 57 27.19 30.38 -9.03
C THR A 57 27.22 31.67 -8.20
N LEU A 58 27.51 31.53 -6.90
CA LEU A 58 27.55 32.69 -5.99
C LEU A 58 28.63 33.69 -6.41
N ASP A 59 29.79 33.19 -6.82
CA ASP A 59 30.89 34.04 -7.26
C ASP A 59 30.53 34.85 -8.50
N ARG A 60 29.94 34.19 -9.49
CA ARG A 60 29.71 34.80 -10.80
C ARG A 60 28.67 35.91 -10.82
N ILE A 61 27.66 35.84 -9.97
CA ILE A 61 26.55 36.81 -10.01
C ILE A 61 26.30 37.57 -8.70
N ILE A 62 27.30 37.61 -7.81
CA ILE A 62 27.16 38.37 -6.55
C ILE A 62 26.79 39.84 -6.78
N GLN A 63 27.43 40.49 -7.75
CA GLN A 63 27.17 41.91 -8.03
C GLN A 63 25.73 42.16 -8.51
N PRO A 64 25.28 41.41 -9.53
CA PRO A 64 23.85 41.48 -9.89
C PRO A 64 22.89 41.28 -8.71
N LEU A 65 23.24 40.39 -7.78
CA LEU A 65 22.40 40.18 -6.60
C LEU A 65 22.48 41.38 -5.65
N GLU A 66 23.68 41.95 -5.54
CA GLU A 66 23.88 43.15 -4.72
C GLU A 66 23.06 44.36 -5.22
N SER A 67 22.81 44.44 -6.53
CA SER A 67 22.05 45.57 -7.09
C SER A 67 20.53 45.42 -6.99
N LEU A 68 20.05 44.25 -6.56
CA LEU A 68 18.62 44.04 -6.30
C LEU A 68 18.30 44.41 -4.85
N LYS A 69 17.66 45.56 -4.66
CA LYS A 69 17.51 46.16 -3.32
C LYS A 69 16.25 45.73 -2.57
N SER A 70 15.25 45.23 -3.28
CA SER A 70 14.08 44.62 -2.63
C SER A 70 14.21 43.09 -2.55
N LEU A 71 15.38 42.56 -2.89
CA LEU A 71 15.64 41.12 -2.87
C LEU A 71 15.61 40.58 -1.43
N SER A 72 14.57 39.79 -1.15
CA SER A 72 14.24 39.34 0.19
C SER A 72 14.47 37.83 0.36
N GLU A 73 14.41 37.09 -0.74
CA GLU A 73 14.47 35.62 -0.70
C GLU A 73 15.49 35.13 -1.72
N LEU A 74 16.40 34.26 -1.29
CA LEU A 74 17.44 33.73 -2.16
C LEU A 74 17.64 32.25 -1.92
N SER A 75 17.62 31.47 -3.00
CA SER A 75 17.96 30.05 -2.93
C SER A 75 19.21 29.76 -3.74
N LEU A 76 20.18 29.11 -3.09
CA LEU A 76 21.38 28.59 -3.75
C LEU A 76 21.53 27.10 -3.39
N SER A 77 20.39 26.43 -3.28
CA SER A 77 20.34 25.00 -2.99
C SER A 77 21.09 24.18 -4.05
N SER A 78 21.74 23.11 -3.60
CA SER A 78 22.25 22.07 -4.49
C SER A 78 23.29 22.58 -5.51
N ASN A 79 24.18 23.46 -5.05
CA ASN A 79 25.26 23.97 -5.90
C ASN A 79 26.65 23.48 -5.49
N GLN A 80 26.75 22.79 -4.36
CA GLN A 80 28.04 22.33 -3.83
C GLN A 80 29.01 23.50 -3.64
N ILE A 81 28.46 24.64 -3.23
CA ILE A 81 29.25 25.84 -2.97
C ILE A 81 30.02 25.66 -1.66
N THR A 82 31.31 26.00 -1.71
CA THR A 82 32.19 25.79 -0.57
C THR A 82 32.44 27.08 0.25
N ASP A 83 32.36 28.23 -0.41
CA ASP A 83 32.60 29.52 0.26
C ASP A 83 31.40 30.47 0.09
N ILE A 84 30.77 30.84 1.21
CA ILE A 84 29.60 31.72 1.19
C ILE A 84 29.90 33.14 1.70
N SER A 85 31.18 33.50 1.70
CA SER A 85 31.63 34.84 2.12
C SER A 85 30.90 36.01 1.41
N PRO A 86 30.77 35.94 0.07
CA PRO A 86 30.09 37.01 -0.66
C PRO A 86 28.66 37.37 -0.20
N LEU A 87 27.95 36.42 0.41
CA LEU A 87 26.55 36.62 0.82
C LEU A 87 26.39 37.68 1.92
N ALA A 88 27.46 37.91 2.70
CA ALA A 88 27.43 38.87 3.82
C ALA A 88 26.88 40.25 3.43
N SER A 89 27.09 40.64 2.18
CA SER A 89 26.55 41.90 1.64
C SER A 89 25.02 41.98 1.71
N LEU A 90 24.35 40.86 1.50
CA LEU A 90 22.90 40.85 1.23
C LEU A 90 22.07 40.85 2.53
N ASN A 91 22.20 41.93 3.28
CA ASN A 91 21.54 42.06 4.60
C ASN A 91 20.04 42.38 4.55
N SER A 92 19.45 42.42 3.35
CA SER A 92 18.00 42.54 3.21
C SER A 92 17.27 41.20 3.25
N LEU A 93 18.02 40.10 3.17
CA LEU A 93 17.42 38.75 3.06
C LEU A 93 16.62 38.34 4.30
N SER A 94 15.44 37.79 4.06
CA SER A 94 14.62 37.20 5.12
C SER A 94 14.47 35.67 4.97
N MET A 95 14.79 35.16 3.78
CA MET A 95 14.73 33.73 3.50
C MET A 95 15.95 33.35 2.68
N LEU A 96 16.64 32.30 3.10
CA LEU A 96 17.87 31.86 2.45
C LEU A 96 17.99 30.34 2.45
N TRP A 97 18.12 29.77 1.25
CA TRP A 97 18.30 28.34 1.09
C TRP A 97 19.75 28.06 0.70
N LEU A 98 20.51 27.44 1.60
CA LEU A 98 21.90 27.03 1.35
C LEU A 98 22.10 25.53 1.58
N ASP A 99 21.00 24.78 1.59
CA ASP A 99 21.03 23.32 1.71
C ASP A 99 21.77 22.67 0.55
N ARG A 100 22.31 21.48 0.80
CA ARG A 100 22.94 20.66 -0.23
C ARG A 100 24.10 21.38 -0.91
N ASN A 101 24.96 21.98 -0.10
CA ASN A 101 26.19 22.60 -0.57
C ASN A 101 27.39 21.94 0.11
N GLN A 102 28.55 22.59 0.12
CA GLN A 102 29.74 22.05 0.78
C GLN A 102 30.32 23.06 1.77
N ILE A 103 29.45 23.67 2.55
CA ILE A 103 29.85 24.76 3.43
C ILE A 103 30.34 24.25 4.78
N THR A 104 31.45 24.83 5.24
CA THR A 104 32.01 24.55 6.56
C THR A 104 31.91 25.78 7.48
N ASP A 105 32.13 26.97 6.92
CA ASP A 105 32.17 28.20 7.68
C ASP A 105 30.94 29.07 7.41
N ILE A 106 30.08 29.22 8.43
CA ILE A 106 28.87 30.04 8.30
C ILE A 106 29.00 31.41 8.98
N ALA A 107 30.22 31.81 9.30
CA ALA A 107 30.48 33.12 9.90
C ALA A 107 29.89 34.28 9.07
N PRO A 108 29.96 34.21 7.72
CA PRO A 108 29.33 35.25 6.90
C PRO A 108 27.83 35.50 7.14
N LEU A 109 27.12 34.52 7.71
CA LEU A 109 25.67 34.63 7.90
C LEU A 109 25.26 35.47 9.12
N ALA A 110 26.21 35.80 9.99
CA ALA A 110 25.90 36.67 11.14
C ALA A 110 25.47 38.07 10.70
N SER A 111 25.93 38.49 9.53
CA SER A 111 25.54 39.76 8.93
C SER A 111 24.09 39.82 8.43
N LEU A 112 23.40 38.68 8.35
CA LEU A 112 22.03 38.62 7.81
C LEU A 112 20.99 38.67 8.94
N ASN A 113 20.93 39.85 9.55
CA ASN A 113 20.11 40.15 10.73
C ASN A 113 18.60 40.01 10.57
N SER A 114 18.10 40.08 9.34
CA SER A 114 16.65 39.97 9.08
C SER A 114 16.20 38.57 8.65
N LEU A 115 17.05 37.56 8.77
CA LEU A 115 16.69 36.20 8.37
C LEU A 115 15.63 35.61 9.30
N SER A 116 14.53 35.15 8.70
CA SER A 116 13.49 34.40 9.41
C SER A 116 13.44 32.92 9.00
N MET A 117 13.95 32.61 7.80
CA MET A 117 14.01 31.22 7.32
C MET A 117 15.40 30.90 6.79
N LEU A 118 16.03 29.86 7.35
CA LEU A 118 17.36 29.42 6.96
C LEU A 118 17.40 27.90 6.78
N TRP A 119 17.81 27.46 5.59
CA TRP A 119 18.02 26.03 5.29
C TRP A 119 19.51 25.77 5.08
N LEU A 120 20.09 24.90 5.90
CA LEU A 120 21.49 24.51 5.77
C LEU A 120 21.66 22.99 5.80
N PHE A 121 20.63 22.27 5.39
CA PHE A 121 20.67 20.80 5.35
C PHE A 121 21.83 20.35 4.48
N GLY A 122 22.57 19.34 4.96
CA GLY A 122 23.54 18.63 4.12
C GLY A 122 24.82 19.36 3.79
N ASN A 123 25.34 20.10 4.77
CA ASN A 123 26.63 20.78 4.64
C ASN A 123 27.62 20.12 5.62
N LYS A 124 28.77 20.76 5.87
CA LYS A 124 29.79 20.20 6.76
C LYS A 124 30.01 21.10 7.98
N ILE A 125 28.92 21.60 8.56
CA ILE A 125 28.97 22.60 9.63
C ILE A 125 29.14 21.95 11.00
N SER A 126 30.10 22.46 11.78
CA SER A 126 30.26 22.09 13.18
C SER A 126 30.00 23.27 14.11
N ASP A 127 30.49 24.45 13.73
CA ASP A 127 30.33 25.66 14.55
C ASP A 127 29.16 26.52 14.07
N ILE A 128 28.13 26.63 14.91
CA ILE A 128 26.96 27.46 14.63
C ILE A 128 26.91 28.70 15.55
N ALA A 129 28.08 29.12 16.02
CA ALA A 129 28.21 30.35 16.81
C ALA A 129 27.69 31.58 16.06
N PRO A 130 27.96 31.69 14.74
CA PRO A 130 27.47 32.83 13.96
C PRO A 130 25.95 33.06 13.92
N LEU A 131 25.16 32.06 14.31
CA LEU A 131 23.70 32.17 14.25
C LEU A 131 23.08 32.78 15.51
N GLU A 132 23.89 32.98 16.55
CA GLU A 132 23.42 33.51 17.84
C GLU A 132 22.63 34.82 17.72
N SER A 133 23.07 35.70 16.83
CA SER A 133 22.49 37.04 16.69
C SER A 133 21.22 37.08 15.84
N LEU A 134 20.90 35.97 15.17
CA LEU A 134 19.78 35.95 14.22
C LEU A 134 18.46 35.65 14.95
N LYS A 135 18.00 36.64 15.73
CA LYS A 135 16.82 36.49 16.59
C LYS A 135 15.47 36.39 15.87
N SER A 136 15.43 36.79 14.60
CA SER A 136 14.17 36.77 13.85
C SER A 136 13.87 35.40 13.24
N LEU A 137 14.84 34.48 13.32
CA LEU A 137 14.67 33.11 12.80
C LEU A 137 13.47 32.39 13.40
N THR A 138 12.59 31.89 12.55
CA THR A 138 11.46 31.04 12.96
C THR A 138 11.59 29.61 12.44
N GLU A 139 12.20 29.44 11.27
CA GLU A 139 12.42 28.11 10.66
C GLU A 139 13.92 27.91 10.42
N LEU A 140 14.48 26.85 10.96
CA LEU A 140 15.92 26.59 10.90
C LEU A 140 16.23 25.10 10.62
N GLN A 141 16.82 24.84 9.45
CA GLN A 141 17.17 23.49 9.02
C GLN A 141 18.69 23.30 9.14
N LEU A 142 19.11 22.48 10.09
CA LEU A 142 20.54 22.20 10.32
C LEU A 142 20.85 20.70 10.29
N SER A 143 19.91 19.90 9.81
CA SER A 143 20.09 18.45 9.79
CA SER A 143 20.07 18.45 9.76
C SER A 143 21.19 18.02 8.81
N SER A 144 21.79 16.87 9.09
CA SER A 144 22.86 16.30 8.28
C SER A 144 24.08 17.21 8.14
N ASN A 145 24.56 17.71 9.27
CA ASN A 145 25.84 18.42 9.34
C ASN A 145 26.74 17.66 10.33
N GLN A 146 27.68 18.33 10.99
CA GLN A 146 28.57 17.69 11.97
C GLN A 146 28.56 18.46 13.29
N ILE A 147 27.36 18.78 13.78
CA ILE A 147 27.23 19.64 14.95
C ILE A 147 27.21 18.81 16.23
N THR A 148 27.93 19.30 17.25
CA THR A 148 27.87 18.72 18.58
C THR A 148 27.32 19.72 19.62
N ASP A 149 27.80 20.96 19.55
CA ASP A 149 27.42 22.00 20.49
C ASP A 149 26.32 22.90 19.90
N ILE A 150 25.12 22.85 20.50
CA ILE A 150 24.00 23.69 20.06
C ILE A 150 23.68 24.81 21.07
N ALA A 151 24.68 25.20 21.86
CA ALA A 151 24.54 26.32 22.80
C ALA A 151 24.07 27.62 22.12
N PRO A 152 24.60 27.93 20.92
CA PRO A 152 24.16 29.13 20.20
C PRO A 152 22.65 29.25 19.95
N LEU A 153 21.94 28.12 19.96
CA LEU A 153 20.50 28.11 19.67
C LEU A 153 19.65 28.61 20.83
N ALA A 154 20.23 28.72 22.02
CA ALA A 154 19.48 29.14 23.20
C ALA A 154 18.95 30.58 23.12
N SER A 155 19.47 31.37 22.17
CA SER A 155 19.05 32.76 21.99
C SER A 155 17.88 32.91 21.02
N LEU A 156 17.58 31.85 20.25
CA LEU A 156 16.62 31.96 19.15
C LEU A 156 15.21 31.59 19.63
N LYS A 157 14.61 32.50 20.39
CA LYS A 157 13.37 32.21 21.11
C LYS A 157 12.09 32.36 20.26
N SER A 158 12.23 32.74 18.99
CA SER A 158 11.09 32.80 18.08
CA SER A 158 11.10 32.82 18.07
C SER A 158 11.08 31.62 17.12
N LEU A 159 11.94 30.63 17.36
CA LEU A 159 11.95 29.41 16.55
C LEU A 159 10.69 28.56 16.76
N THR A 160 10.06 28.18 15.66
CA THR A 160 8.89 27.30 15.66
C THR A 160 9.19 25.93 15.00
N GLU A 161 10.00 25.92 13.94
CA GLU A 161 10.44 24.68 13.27
C GLU A 161 11.96 24.56 13.34
N LEU A 162 12.46 23.51 13.99
CA LEU A 162 13.90 23.27 14.08
C LEU A 162 14.22 21.80 13.73
N SER A 163 15.14 21.63 12.77
CA SER A 163 15.64 20.32 12.41
C SER A 163 17.14 20.25 12.70
N LEU A 164 17.54 19.18 13.38
CA LEU A 164 18.93 18.94 13.77
C LEU A 164 19.30 17.46 13.65
N SER A 165 18.53 16.71 12.85
CA SER A 165 18.73 15.27 12.69
C SER A 165 20.03 14.99 11.98
N GLY A 166 20.66 13.88 12.32
CA GLY A 166 21.88 13.45 11.64
C GLY A 166 23.09 14.32 11.93
N ASN A 167 23.28 14.65 13.21
CA ASN A 167 24.48 15.34 13.68
C ASN A 167 25.16 14.45 14.73
N ASN A 168 25.89 15.05 15.68
CA ASN A 168 26.57 14.30 16.75
C ASN A 168 26.19 14.81 18.14
N ILE A 169 24.92 15.19 18.30
CA ILE A 169 24.49 15.92 19.50
C ILE A 169 24.14 14.98 20.65
N SER A 170 24.63 15.32 21.85
CA SER A 170 24.26 14.61 23.07
C SER A 170 23.58 15.54 24.08
N ASP A 171 23.88 16.83 24.02
CA ASP A 171 23.37 17.81 24.98
C ASP A 171 22.31 18.69 24.32
N ILE A 172 21.05 18.51 24.70
CA ILE A 172 19.95 19.32 24.17
C ILE A 172 19.38 20.33 25.17
N ALA A 173 20.07 20.53 26.29
CA ALA A 173 19.65 21.51 27.30
C ALA A 173 19.46 22.93 26.73
N PRO A 174 20.29 23.32 25.74
CA PRO A 174 20.10 24.64 25.11
C PRO A 174 18.76 24.88 24.40
N LEU A 175 17.97 23.83 24.18
CA LEU A 175 16.63 23.95 23.58
C LEU A 175 15.56 24.28 24.63
N GLU A 176 15.91 24.13 25.90
CA GLU A 176 14.98 24.24 27.04
C GLU A 176 14.07 25.47 27.06
N SER A 177 14.54 26.59 26.55
CA SER A 177 13.78 27.85 26.58
C SER A 177 13.21 28.24 25.22
N LEU A 178 13.18 27.29 24.28
CA LEU A 178 12.59 27.53 22.97
C LEU A 178 11.14 27.08 22.99
N LYS A 179 10.31 27.82 23.71
CA LYS A 179 8.94 27.41 24.02
C LYS A 179 7.93 27.59 22.88
N SER A 180 8.31 28.27 21.80
CA SER A 180 7.43 28.43 20.63
C SER A 180 7.59 27.33 19.58
N LEU A 181 8.51 26.40 19.86
CA LEU A 181 8.83 25.30 18.97
C LEU A 181 7.64 24.34 18.88
N THR A 182 7.18 24.08 17.66
CA THR A 182 6.07 23.14 17.42
C THR A 182 6.52 21.91 16.62
N GLU A 183 7.60 22.04 15.85
CA GLU A 183 8.18 20.91 15.11
C GLU A 183 9.67 20.81 15.42
N LEU A 184 10.09 19.64 15.90
CA LEU A 184 11.49 19.41 16.28
C LEU A 184 11.96 18.03 15.82
N SER A 185 13.06 18.02 15.05
CA SER A 185 13.68 16.78 14.58
C SER A 185 15.07 16.60 15.19
N LEU A 186 15.25 15.49 15.90
CA LEU A 186 16.51 15.17 16.58
C LEU A 186 16.95 13.72 16.37
N SER A 187 16.60 13.14 15.23
CA SER A 187 16.92 11.74 14.95
CA SER A 187 16.93 11.74 14.94
C SER A 187 18.40 11.58 14.54
N SER A 188 18.92 10.37 14.71
CA SER A 188 20.31 10.06 14.38
C SER A 188 21.30 11.05 15.03
N ASN A 189 21.28 11.11 16.36
CA ASN A 189 22.25 11.89 17.12
C ASN A 189 22.86 10.99 18.23
N GLN A 190 23.47 11.58 19.25
CA GLN A 190 24.04 10.81 20.38
C GLN A 190 23.29 11.10 21.68
N ILE A 191 21.96 11.17 21.61
CA ILE A 191 21.17 11.66 22.74
C ILE A 191 20.76 10.55 23.70
N THR A 192 20.93 10.81 24.99
CA THR A 192 20.42 9.94 26.05
C THR A 192 19.43 10.67 26.95
N ASP A 193 19.75 11.92 27.32
CA ASP A 193 18.86 12.69 28.19
C ASP A 193 17.94 13.62 27.42
N ILE A 194 16.63 13.38 27.47
CA ILE A 194 15.62 14.27 26.85
C ILE A 194 14.84 15.12 27.87
N ALA A 195 15.30 15.20 29.11
CA ALA A 195 14.62 16.00 30.14
C ALA A 195 14.38 17.45 29.73
N PRO A 196 15.31 18.07 28.99
CA PRO A 196 15.09 19.45 28.54
C PRO A 196 13.87 19.68 27.64
N LEU A 197 13.32 18.61 27.05
CA LEU A 197 12.13 18.72 26.19
C LEU A 197 10.83 18.92 26.96
N ALA A 198 10.81 18.54 28.24
CA ALA A 198 9.60 18.61 29.06
C ALA A 198 8.91 20.00 29.08
N SER A 199 9.66 21.04 28.73
CA SER A 199 9.14 22.41 28.72
C SER A 199 8.57 22.85 27.37
N LEU A 200 8.78 22.06 26.32
CA LEU A 200 8.34 22.43 24.98
C LEU A 200 6.89 21.97 24.72
N LYS A 201 5.96 22.57 25.46
CA LYS A 201 4.59 22.06 25.56
C LYS A 201 3.68 22.31 24.36
N SER A 202 4.14 23.07 23.37
CA SER A 202 3.36 23.22 22.13
C SER A 202 3.94 22.44 20.95
N LEU A 203 4.82 21.48 21.23
CA LEU A 203 5.30 20.56 20.21
C LEU A 203 4.15 19.71 19.66
N THR A 204 4.02 19.69 18.33
CA THR A 204 3.05 18.84 17.64
C THR A 204 3.73 17.67 16.92
N GLU A 205 4.95 17.88 16.42
CA GLU A 205 5.75 16.83 15.79
C GLU A 205 7.13 16.76 16.43
N LEU A 206 7.52 15.56 16.86
CA LEU A 206 8.81 15.31 17.48
C LEU A 206 9.41 13.99 16.97
N SER A 207 10.64 14.06 16.46
CA SER A 207 11.35 12.85 16.03
CA SER A 207 11.37 12.88 15.99
C SER A 207 12.64 12.69 16.81
N LEU A 208 12.84 11.49 17.33
CA LEU A 208 13.99 11.16 18.17
C LEU A 208 14.66 9.81 17.82
N SER A 209 14.28 9.23 16.69
CA SER A 209 14.78 7.92 16.28
C SER A 209 16.31 7.85 16.17
N SER A 210 16.87 6.65 16.32
CA SER A 210 18.32 6.42 16.29
C SER A 210 19.07 7.29 17.29
N ASN A 211 18.75 7.13 18.57
CA ASN A 211 19.51 7.75 19.65
C ASN A 211 19.80 6.65 20.69
N GLN A 212 20.00 7.01 21.97
CA GLN A 212 20.17 6.01 23.03
C GLN A 212 19.26 6.33 24.20
N ILE A 213 18.03 6.71 23.89
CA ILE A 213 17.06 7.07 24.91
C ILE A 213 16.52 5.81 25.55
N SER A 214 16.42 5.86 26.87
CA SER A 214 15.82 4.80 27.67
C SER A 214 14.64 5.34 28.47
N ASP A 215 14.81 6.54 28.99
CA ASP A 215 13.84 7.18 29.86
C ASP A 215 13.08 8.22 29.03
N ILE A 216 11.81 7.95 28.73
CA ILE A 216 10.96 8.87 27.97
C ILE A 216 9.96 9.61 28.87
N ALA A 217 10.17 9.55 30.19
CA ALA A 217 9.28 10.20 31.14
C ALA A 217 9.04 11.69 30.86
N PRO A 218 10.09 12.42 30.40
CA PRO A 218 9.91 13.84 30.07
C PRO A 218 8.90 14.16 28.97
N LEU A 219 8.52 13.17 28.15
CA LEU A 219 7.54 13.39 27.09
C LEU A 219 6.11 13.50 27.62
N GLU A 220 5.90 13.11 28.88
CA GLU A 220 4.56 12.96 29.46
C GLU A 220 3.68 14.22 29.38
N SER A 221 4.29 15.39 29.51
CA SER A 221 3.54 16.65 29.53
C SER A 221 3.29 17.23 28.13
N LEU A 222 3.93 16.66 27.11
CA LEU A 222 3.87 17.19 25.74
C LEU A 222 2.57 16.77 25.05
N LYS A 223 1.46 17.30 25.57
CA LYS A 223 0.13 16.81 25.22
C LYS A 223 -0.39 17.24 23.84
N SER A 224 0.31 18.13 23.16
CA SER A 224 -0.10 18.51 21.81
C SER A 224 0.51 17.64 20.73
N LEU A 225 1.28 16.62 21.11
CA LEU A 225 1.91 15.76 20.12
C LEU A 225 0.86 14.95 19.36
N THR A 226 0.94 15.01 18.03
CA THR A 226 0.14 14.18 17.15
C THR A 226 1.01 13.16 16.41
N GLU A 227 2.30 13.45 16.30
CA GLU A 227 3.24 12.64 15.52
C GLU A 227 4.57 12.48 16.29
N LEU A 228 4.93 11.25 16.62
CA LEU A 228 6.11 10.97 17.48
C LEU A 228 6.94 9.78 16.96
N GLN A 229 8.21 10.04 16.64
CA GLN A 229 9.12 9.00 16.14
C GLN A 229 10.14 8.65 17.23
N LEU A 230 10.15 7.38 17.65
CA LEU A 230 11.04 6.92 18.73
C LEU A 230 11.75 5.60 18.43
N SER A 231 11.83 5.24 17.14
CA SER A 231 12.41 3.96 16.75
C SER A 231 13.93 3.91 16.98
N ARG A 232 14.46 2.69 17.10
CA ARG A 232 15.91 2.46 17.28
C ARG A 232 16.50 3.20 18.49
N ASN A 233 15.90 2.94 19.66
CA ASN A 233 16.42 3.45 20.92
C ASN A 233 16.55 2.26 21.88
N GLN A 234 16.63 2.51 23.18
CA GLN A 234 16.67 1.42 24.17
C GLN A 234 15.50 1.56 25.15
N ILE A 235 14.33 1.81 24.59
CA ILE A 235 13.11 2.04 25.37
C ILE A 235 12.43 0.73 25.70
N SER A 236 12.14 0.51 26.99
CA SER A 236 11.29 -0.60 27.41
C SER A 236 10.02 -0.11 28.12
N ASP A 237 10.13 1.00 28.86
CA ASP A 237 8.98 1.52 29.58
C ASP A 237 8.31 2.65 28.81
N ILE A 238 7.07 2.42 28.34
CA ILE A 238 6.31 3.42 27.58
C ILE A 238 5.12 4.01 28.35
N ALA A 239 5.09 3.82 29.66
CA ALA A 239 4.00 4.35 30.50
C ALA A 239 3.80 5.86 30.34
N PRO A 240 4.90 6.62 30.16
CA PRO A 240 4.77 8.07 29.92
C PRO A 240 3.88 8.46 28.72
N LEU A 241 3.74 7.56 27.74
CA LEU A 241 2.97 7.86 26.53
C LEU A 241 1.46 7.96 26.77
N GLU A 242 0.98 7.33 27.84
CA GLU A 242 -0.46 7.24 28.14
C GLU A 242 -1.21 8.56 28.04
N SER A 243 -0.55 9.65 28.41
CA SER A 243 -1.18 10.97 28.45
C SER A 243 -1.27 11.67 27.09
N LEU A 244 -0.57 11.14 26.10
CA LEU A 244 -0.45 11.82 24.79
C LEU A 244 -1.63 11.47 23.87
N LYS A 245 -2.81 11.94 24.25
CA LYS A 245 -4.08 11.52 23.66
C LYS A 245 -4.32 11.97 22.22
N SER A 246 -3.58 12.99 21.78
CA SER A 246 -3.74 13.52 20.43
C SER A 246 -2.92 12.80 19.35
N LEU A 247 -2.12 11.81 19.77
CA LEU A 247 -1.24 11.07 18.84
C LEU A 247 -2.01 10.30 17.78
N THR A 248 -1.66 10.52 16.51
CA THR A 248 -2.22 9.75 15.39
C THR A 248 -1.18 8.79 14.80
N GLU A 249 0.08 9.21 14.81
CA GLU A 249 1.17 8.46 14.22
C GLU A 249 2.23 8.23 15.29
N LEU A 250 2.53 6.96 15.57
CA LEU A 250 3.52 6.62 16.59
C LEU A 250 4.44 5.48 16.15
N GLN A 251 5.73 5.75 16.14
CA GLN A 251 6.73 4.80 15.65
C GLN A 251 7.68 4.39 16.78
N LEU A 252 7.64 3.11 17.18
CA LEU A 252 8.41 2.58 18.31
C LEU A 252 9.25 1.34 17.95
N SER A 253 9.59 1.19 16.67
CA SER A 253 10.28 -0.02 16.22
C SER A 253 11.69 -0.10 16.79
N SER A 254 12.24 -1.30 16.83
CA SER A 254 13.62 -1.54 17.31
C SER A 254 13.86 -0.94 18.67
N ASN A 255 13.03 -1.34 19.63
CA ASN A 255 13.21 -1.00 21.04
C ASN A 255 13.17 -2.29 21.87
N GLN A 256 12.96 -2.18 23.18
CA GLN A 256 12.95 -3.35 24.05
C GLN A 256 11.62 -3.47 24.78
N ILE A 257 10.54 -3.18 24.06
CA ILE A 257 9.20 -3.12 24.65
C ILE A 257 8.62 -4.53 24.78
N THR A 258 7.98 -4.78 25.92
CA THR A 258 7.20 -6.00 26.17
C THR A 258 5.74 -5.66 26.50
N ASP A 259 5.54 -4.66 27.35
CA ASP A 259 4.22 -4.25 27.81
C ASP A 259 3.77 -3.03 27.02
N ILE A 260 2.65 -3.16 26.30
CA ILE A 260 2.06 -2.05 25.54
C ILE A 260 0.72 -1.58 26.11
N ALA A 261 0.49 -1.87 27.39
CA ALA A 261 -0.73 -1.44 28.08
C ALA A 261 -0.99 0.08 28.04
N PRO A 262 0.08 0.89 28.12
CA PRO A 262 -0.11 2.36 28.03
C PRO A 262 -0.69 2.88 26.70
N LEU A 263 -0.69 2.06 25.65
CA LEU A 263 -1.22 2.44 24.36
C LEU A 263 -2.74 2.27 24.28
N ALA A 264 -3.31 1.52 25.22
CA ALA A 264 -4.74 1.22 25.22
C ALA A 264 -5.63 2.46 25.13
N SER A 265 -5.16 3.55 25.71
CA SER A 265 -5.92 4.79 25.77
C SER A 265 -5.65 5.76 24.59
N LEU A 266 -4.68 5.45 23.73
CA LEU A 266 -4.35 6.35 22.63
C LEU A 266 -5.31 6.15 21.46
N LYS A 267 -6.55 6.63 21.67
CA LYS A 267 -7.67 6.31 20.80
C LYS A 267 -7.68 6.99 19.43
N SER A 268 -6.86 8.03 19.24
CA SER A 268 -6.78 8.70 17.95
C SER A 268 -5.70 8.12 17.02
N LEU A 269 -4.99 7.10 17.48
CA LEU A 269 -3.94 6.48 16.68
C LEU A 269 -4.49 5.86 15.41
N THR A 270 -3.90 6.22 14.28
CA THR A 270 -4.26 5.65 12.96
C THR A 270 -3.10 4.83 12.37
N GLU A 271 -1.87 5.22 12.70
CA GLU A 271 -0.67 4.54 12.23
C GLU A 271 0.22 4.20 13.42
N LEU A 272 0.47 2.91 13.62
CA LEU A 272 1.28 2.42 14.74
C LEU A 272 2.31 1.38 14.27
N GLN A 273 3.58 1.65 14.57
CA GLN A 273 4.66 0.73 14.22
C GLN A 273 5.40 0.30 15.48
N LEU A 274 5.42 -1.01 15.70
CA LEU A 274 6.01 -1.61 16.90
C LEU A 274 6.97 -2.74 16.56
N SER A 275 7.55 -2.68 15.37
CA SER A 275 8.40 -3.75 14.83
C SER A 275 9.64 -3.99 15.70
N ARG A 276 10.09 -5.24 15.71
CA ARG A 276 11.33 -5.63 16.37
CA ARG A 276 11.34 -5.62 16.36
C ARG A 276 11.38 -5.19 17.84
N ASN A 277 10.38 -5.60 18.59
CA ASN A 277 10.38 -5.50 20.05
C ASN A 277 10.24 -6.93 20.58
N GLN A 278 9.70 -7.10 21.80
CA GLN A 278 9.50 -8.45 22.36
C GLN A 278 8.07 -8.62 22.86
N ILE A 279 7.12 -8.08 22.11
CA ILE A 279 5.72 -8.10 22.48
C ILE A 279 5.10 -9.49 22.30
N SER A 280 4.39 -9.96 23.32
CA SER A 280 3.59 -11.18 23.25
C SER A 280 2.11 -10.86 23.32
N ASP A 281 1.75 -10.01 24.27
CA ASP A 281 0.37 -9.70 24.55
C ASP A 281 -0.03 -8.40 23.84
N ILE A 282 -0.95 -8.51 22.89
CA ILE A 282 -1.45 -7.35 22.15
C ILE A 282 -2.90 -7.02 22.50
N ALA A 283 -3.36 -7.57 23.62
CA ALA A 283 -4.69 -7.27 24.16
C ALA A 283 -4.97 -5.76 24.29
N PRO A 284 -3.95 -4.95 24.63
CA PRO A 284 -4.15 -3.49 24.68
C PRO A 284 -4.54 -2.79 23.36
N LEU A 285 -4.37 -3.46 22.22
CA LEU A 285 -4.70 -2.85 20.93
C LEU A 285 -6.19 -2.93 20.55
N GLU A 286 -6.99 -3.68 21.32
CA GLU A 286 -8.38 -4.00 20.95
C GLU A 286 -9.32 -2.78 20.85
N SER A 287 -8.98 -1.71 21.56
CA SER A 287 -9.81 -0.50 21.62
C SER A 287 -9.42 0.58 20.60
N LEU A 288 -8.35 0.33 19.84
CA LEU A 288 -7.83 1.34 18.92
C LEU A 288 -8.52 1.27 17.57
N ASN A 289 -9.78 1.69 17.55
CA ASN A 289 -10.67 1.47 16.41
C ASN A 289 -10.41 2.35 15.18
N SER A 290 -9.53 3.35 15.32
CA SER A 290 -9.18 4.21 14.18
C SER A 290 -7.89 3.76 13.48
N LEU A 291 -7.35 2.62 13.89
CA LEU A 291 -6.07 2.15 13.41
C LEU A 291 -6.22 1.61 11.97
N SER A 292 -5.56 2.25 11.00
CA SER A 292 -5.61 1.77 9.62
C SER A 292 -4.33 1.06 9.19
N LYS A 293 -3.21 1.41 9.81
CA LYS A 293 -1.92 0.81 9.50
C LYS A 293 -1.24 0.33 10.79
N LEU A 294 -0.91 -0.96 10.85
CA LEU A 294 -0.33 -1.57 12.06
C LEU A 294 0.82 -2.51 11.73
N TRP A 295 2.00 -2.23 12.28
CA TRP A 295 3.18 -3.05 12.03
C TRP A 295 3.62 -3.73 13.31
N LEU A 296 3.47 -5.06 13.36
CA LEU A 296 3.82 -5.84 14.54
C LEU A 296 4.84 -6.94 14.22
N ASN A 297 5.54 -6.78 13.10
CA ASN A 297 6.52 -7.78 12.68
C ASN A 297 7.73 -7.88 13.61
N GLY A 298 8.24 -9.10 13.80
CA GLY A 298 9.46 -9.31 14.58
C GLY A 298 9.25 -9.23 16.08
N ASN A 299 8.16 -9.86 16.55
CA ASN A 299 7.85 -9.89 17.97
C ASN A 299 7.70 -11.34 18.44
N GLN A 300 6.99 -11.55 19.55
CA GLN A 300 6.74 -12.86 20.13
C GLN A 300 5.25 -13.19 20.16
N ILE A 301 4.50 -12.74 19.17
CA ILE A 301 3.03 -12.90 19.18
C ILE A 301 2.60 -14.30 18.71
N THR A 302 1.60 -14.86 19.41
CA THR A 302 0.93 -16.10 19.00
C THR A 302 -0.59 -15.89 18.91
N ASP A 303 -1.19 -15.26 19.91
CA ASP A 303 -2.62 -14.96 19.91
C ASP A 303 -2.87 -13.57 19.28
N ILE A 304 -3.71 -13.51 18.26
CA ILE A 304 -4.05 -12.25 17.60
C ILE A 304 -5.55 -12.00 17.64
N ALA A 305 -6.21 -12.59 18.64
CA ALA A 305 -7.64 -12.41 18.84
C ALA A 305 -8.01 -10.94 19.05
N PRO A 306 -7.16 -10.17 19.75
CA PRO A 306 -7.42 -8.75 19.97
C PRO A 306 -7.59 -7.88 18.70
N LEU A 307 -7.12 -8.35 17.55
CA LEU A 307 -7.22 -7.57 16.31
C LEU A 307 -8.56 -7.67 15.60
N ALA A 308 -9.41 -8.59 16.05
CA ALA A 308 -10.67 -8.90 15.36
C ALA A 308 -11.60 -7.70 15.14
N SER A 309 -11.62 -6.77 16.10
CA SER A 309 -12.54 -5.61 16.08
C SER A 309 -11.96 -4.36 15.40
N LEU A 310 -10.73 -4.45 14.89
CA LEU A 310 -10.06 -3.30 14.27
C LEU A 310 -10.43 -3.19 12.80
N ASN A 311 -11.70 -2.84 12.55
CA ASN A 311 -12.29 -2.87 11.21
C ASN A 311 -11.77 -1.85 10.21
N SER A 312 -11.06 -0.84 10.70
CA SER A 312 -10.49 0.19 9.82
C SER A 312 -9.11 -0.19 9.25
N LEU A 313 -8.52 -1.29 9.72
CA LEU A 313 -7.22 -1.76 9.25
C LEU A 313 -7.19 -2.02 7.75
N THR A 314 -6.32 -1.31 7.05
CA THR A 314 -6.07 -1.54 5.62
C THR A 314 -4.72 -2.20 5.39
N GLU A 315 -3.78 -2.04 6.32
CA GLU A 315 -2.46 -2.63 6.17
C GLU A 315 -2.01 -3.23 7.50
N LEU A 316 -1.54 -4.48 7.46
CA LEU A 316 -1.18 -5.21 8.67
C LEU A 316 0.07 -6.06 8.47
N GLU A 317 1.16 -5.71 9.17
CA GLU A 317 2.42 -6.45 9.11
C GLU A 317 2.52 -7.33 10.37
N LEU A 318 2.46 -8.64 10.19
CA LEU A 318 2.55 -9.60 11.30
C LEU A 318 3.65 -10.64 11.08
N SER A 319 4.53 -10.41 10.11
CA SER A 319 5.57 -11.37 9.78
C SER A 319 6.64 -11.52 10.89
N SER A 320 7.31 -12.68 10.91
CA SER A 320 8.31 -13.02 11.94
C SER A 320 7.77 -13.03 13.37
N ASN A 321 6.65 -13.73 13.58
CA ASN A 321 6.14 -14.00 14.92
C ASN A 321 6.02 -15.53 15.08
N GLN A 322 5.18 -16.00 16.00
CA GLN A 322 4.87 -17.43 16.14
C GLN A 322 3.37 -17.67 16.07
N ILE A 323 2.72 -17.10 15.06
CA ILE A 323 1.27 -17.20 14.92
C ILE A 323 0.87 -18.51 14.24
N THR A 324 -0.23 -19.08 14.71
CA THR A 324 -0.82 -20.28 14.14
C THR A 324 -2.24 -20.01 13.65
N ASP A 325 -3.09 -19.50 14.54
CA ASP A 325 -4.51 -19.31 14.26
C ASP A 325 -4.81 -17.90 13.74
N ILE A 326 -5.16 -17.81 12.46
CA ILE A 326 -5.45 -16.51 11.82
C ILE A 326 -6.93 -16.23 11.60
N ALA A 327 -7.80 -17.07 12.17
CA ALA A 327 -9.27 -16.89 12.08
C ALA A 327 -9.79 -15.55 12.64
N PRO A 328 -9.10 -14.97 13.64
CA PRO A 328 -9.53 -13.64 14.10
C PRO A 328 -9.46 -12.53 13.04
N LEU A 329 -8.63 -12.70 12.01
CA LEU A 329 -8.53 -11.70 10.93
C LEU A 329 -9.73 -11.72 9.97
N ALA A 330 -10.54 -12.78 10.00
CA ALA A 330 -11.64 -12.97 9.04
C ALA A 330 -12.62 -11.79 8.96
N SER A 331 -12.79 -11.07 10.06
CA SER A 331 -13.71 -9.93 10.14
C SER A 331 -13.23 -8.67 9.37
N LEU A 332 -11.91 -8.53 9.20
CA LEU A 332 -11.32 -7.30 8.70
C LEU A 332 -11.64 -7.05 7.21
N LYS A 333 -12.81 -6.43 6.98
CA LYS A 333 -13.33 -6.22 5.62
C LYS A 333 -12.52 -5.24 4.78
N SER A 334 -11.88 -4.26 5.43
CA SER A 334 -11.12 -3.22 4.72
C SER A 334 -9.63 -3.57 4.53
N LEU A 335 -9.18 -4.70 5.08
CA LEU A 335 -7.78 -5.10 4.98
C LEU A 335 -7.36 -5.32 3.53
N SER A 336 -6.34 -4.57 3.11
CA SER A 336 -5.91 -4.55 1.71
C SER A 336 -4.53 -5.17 1.50
N THR A 337 -3.64 -5.00 2.48
CA THR A 337 -2.31 -5.58 2.45
C THR A 337 -2.04 -6.35 3.74
N LEU A 338 -1.72 -7.64 3.60
CA LEU A 338 -1.46 -8.50 4.74
C LEU A 338 -0.15 -9.23 4.54
N TRP A 339 0.73 -9.15 5.54
CA TRP A 339 2.02 -9.83 5.52
C TRP A 339 2.05 -10.79 6.70
N LEU A 340 2.24 -12.07 6.41
CA LEU A 340 2.26 -13.10 7.45
C LEU A 340 3.48 -14.00 7.36
N SER A 341 4.57 -13.50 6.76
CA SER A 341 5.74 -14.34 6.54
C SER A 341 6.36 -14.83 7.83
N SER A 342 6.95 -16.03 7.77
CA SER A 342 7.73 -16.58 8.88
C SER A 342 6.92 -16.66 10.16
N ASN A 343 5.84 -17.42 10.09
CA ASN A 343 5.02 -17.74 11.24
C ASN A 343 4.89 -19.27 11.35
N GLN A 344 3.83 -19.77 11.98
CA GLN A 344 3.61 -21.20 12.18
CA GLN A 344 3.62 -21.20 12.17
C GLN A 344 2.21 -21.59 11.70
N ILE A 345 1.79 -21.00 10.58
CA ILE A 345 0.45 -21.19 10.05
C ILE A 345 0.37 -22.43 9.15
N SER A 346 -0.72 -23.19 9.30
CA SER A 346 -1.03 -24.37 8.49
C SER A 346 -2.33 -24.22 7.70
N ASP A 347 -3.31 -23.51 8.26
CA ASP A 347 -4.63 -23.40 7.67
C ASP A 347 -4.94 -21.95 7.37
N ILE A 348 -5.21 -21.64 6.10
CA ILE A 348 -5.48 -20.27 5.68
C ILE A 348 -6.90 -20.09 5.12
N ALA A 349 -7.78 -21.03 5.45
CA ALA A 349 -9.16 -20.98 4.96
C ALA A 349 -9.93 -19.70 5.34
N PRO A 350 -9.82 -19.24 6.61
CA PRO A 350 -10.59 -18.05 7.02
C PRO A 350 -10.23 -16.77 6.27
N LEU A 351 -9.02 -16.71 5.69
CA LEU A 351 -8.58 -15.54 4.92
C LEU A 351 -9.42 -15.30 3.65
N ALA A 352 -10.27 -16.25 3.28
CA ALA A 352 -11.06 -16.14 2.06
C ALA A 352 -12.21 -15.12 2.14
N SER A 353 -12.49 -14.63 3.35
CA SER A 353 -13.50 -13.58 3.54
C SER A 353 -12.92 -12.16 3.45
N LEU A 354 -11.59 -12.05 3.41
CA LEU A 354 -10.95 -10.75 3.27
C LEU A 354 -11.23 -10.20 1.86
N GLU A 355 -12.40 -9.57 1.73
CA GLU A 355 -12.94 -9.14 0.44
C GLU A 355 -12.19 -7.97 -0.23
N SER A 356 -11.46 -7.18 0.56
CA SER A 356 -10.66 -6.08 0.01
C SER A 356 -9.17 -6.43 -0.20
N LEU A 357 -8.78 -7.64 0.16
CA LEU A 357 -7.37 -8.05 0.13
C LEU A 357 -6.78 -8.03 -1.28
N SER A 358 -5.67 -7.29 -1.47
CA SER A 358 -5.01 -7.20 -2.77
CA SER A 358 -5.01 -7.16 -2.76
C SER A 358 -3.58 -7.74 -2.75
N GLU A 359 -2.85 -7.52 -1.65
CA GLU A 359 -1.47 -8.01 -1.49
C GLU A 359 -1.37 -8.93 -0.27
N LEU A 360 -0.95 -10.17 -0.48
CA LEU A 360 -0.84 -11.16 0.61
C LEU A 360 0.49 -11.90 0.55
N SER A 361 1.21 -11.98 1.66
CA SER A 361 2.40 -12.83 1.76
C SER A 361 2.26 -13.88 2.86
N LEU A 362 2.44 -15.14 2.48
CA LEU A 362 2.32 -16.29 3.37
C LEU A 362 3.60 -17.12 3.37
N SER A 363 4.70 -16.52 2.96
CA SER A 363 5.95 -17.27 2.82
C SER A 363 6.50 -17.75 4.15
N SER A 364 7.26 -18.83 4.12
CA SER A 364 7.86 -19.43 5.31
C SER A 364 6.81 -19.73 6.38
N ASN A 365 5.80 -20.48 5.96
CA ASN A 365 4.84 -21.07 6.88
C ASN A 365 4.76 -22.57 6.58
N GLN A 366 3.76 -23.26 7.15
CA GLN A 366 3.63 -24.70 6.95
C GLN A 366 2.28 -24.98 6.29
N ILE A 367 2.01 -24.26 5.21
CA ILE A 367 0.74 -24.37 4.50
C ILE A 367 0.86 -25.38 3.38
N SER A 368 -0.11 -26.28 3.30
CA SER A 368 -0.14 -27.30 2.27
C SER A 368 -1.22 -27.02 1.20
N ASP A 369 -2.30 -26.36 1.58
CA ASP A 369 -3.46 -26.19 0.70
C ASP A 369 -3.83 -24.71 0.55
N ILE A 370 -3.63 -24.16 -0.64
CA ILE A 370 -3.98 -22.77 -0.94
C ILE A 370 -5.24 -22.63 -1.80
N SER A 371 -6.04 -23.69 -1.86
CA SER A 371 -7.29 -23.66 -2.61
C SER A 371 -8.32 -22.62 -2.11
N PRO A 372 -8.36 -22.35 -0.78
CA PRO A 372 -9.25 -21.29 -0.29
C PRO A 372 -9.00 -19.90 -0.89
N LEU A 373 -7.76 -19.62 -1.31
CA LEU A 373 -7.41 -18.32 -1.88
C LEU A 373 -8.10 -18.05 -3.23
N ALA A 374 -8.48 -19.11 -3.95
CA ALA A 374 -9.13 -19.01 -5.26
C ALA A 374 -10.37 -18.09 -5.29
N SER A 375 -11.06 -17.96 -4.15
CA SER A 375 -12.22 -17.07 -4.04
C SER A 375 -11.85 -15.59 -4.07
N LEU A 376 -10.65 -15.25 -3.59
CA LEU A 376 -10.18 -13.86 -3.54
C LEU A 376 -9.79 -13.34 -4.93
N ASN A 377 -10.80 -13.04 -5.73
CA ASN A 377 -10.57 -12.45 -7.06
C ASN A 377 -9.95 -11.05 -7.01
N SER A 378 -10.05 -10.39 -5.86
CA SER A 378 -9.44 -9.07 -5.63
C SER A 378 -7.89 -9.08 -5.61
N LEU A 379 -7.29 -10.23 -5.30
CA LEU A 379 -5.83 -10.34 -5.18
C LEU A 379 -5.11 -9.94 -6.46
N THR A 380 -4.09 -9.11 -6.32
CA THR A 380 -3.22 -8.72 -7.43
C THR A 380 -1.80 -9.25 -7.26
N GLY A 381 -1.48 -9.80 -6.10
CA GLY A 381 -0.16 -10.39 -5.87
C GLY A 381 -0.15 -11.19 -4.60
N PHE A 382 0.43 -12.39 -4.66
CA PHE A 382 0.70 -13.14 -3.43
C PHE A 382 1.90 -14.07 -3.46
N ASP A 383 2.44 -14.29 -2.28
CA ASP A 383 3.75 -14.86 -2.08
C ASP A 383 3.58 -16.13 -1.24
N VAL A 384 3.99 -17.27 -1.77
CA VAL A 384 3.79 -18.56 -1.11
C VAL A 384 5.06 -19.40 -1.08
N ARG A 385 6.21 -18.73 -1.10
CA ARG A 385 7.51 -19.40 -1.05
C ARG A 385 7.66 -20.15 0.27
N ARG A 386 8.38 -21.27 0.23
CA ARG A 386 8.71 -22.06 1.42
C ARG A 386 7.47 -22.46 2.21
N ASN A 387 6.56 -23.14 1.53
CA ASN A 387 5.44 -23.82 2.14
C ASN A 387 5.34 -25.21 1.53
N PRO A 388 4.92 -26.21 2.32
CA PRO A 388 4.85 -27.58 1.83
C PRO A 388 3.69 -27.84 0.87
N ILE A 389 3.52 -26.96 -0.11
CA ILE A 389 2.45 -27.12 -1.09
C ILE A 389 2.88 -28.17 -2.11
N LYS A 390 2.01 -29.14 -2.35
CA LYS A 390 2.30 -30.25 -3.26
C LYS A 390 1.48 -30.20 -4.54
N ARG A 391 0.21 -29.82 -4.42
CA ARG A 391 -0.69 -29.79 -5.57
C ARG A 391 -1.36 -28.43 -5.65
N LEU A 392 -1.43 -27.88 -6.86
CA LEU A 392 -2.15 -26.64 -7.13
C LEU A 392 -3.51 -26.97 -7.71
N PRO A 393 -4.57 -26.28 -7.25
CA PRO A 393 -5.87 -26.48 -7.86
C PRO A 393 -5.94 -25.82 -9.24
N GLU A 394 -6.79 -26.36 -10.12
CA GLU A 394 -7.02 -25.81 -11.47
C GLU A 394 -7.41 -24.33 -11.44
N THR A 395 -8.04 -23.92 -10.34
CA THR A 395 -8.56 -22.56 -10.17
C THR A 395 -7.47 -21.49 -10.02
N ILE A 396 -6.21 -21.91 -9.94
CA ILE A 396 -5.06 -20.98 -9.88
C ILE A 396 -4.89 -20.16 -11.15
N THR A 397 -5.37 -20.67 -12.28
CA THR A 397 -5.37 -19.93 -13.54
C THR A 397 -6.50 -18.89 -13.62
N GLY A 398 -7.39 -18.91 -12.63
CA GLY A 398 -8.49 -17.96 -12.54
C GLY A 398 -8.06 -16.54 -12.16
N PHE A 399 -6.90 -16.43 -11.51
CA PHE A 399 -6.34 -15.12 -11.17
C PHE A 399 -5.75 -14.47 -12.40
N ASP A 400 -5.75 -13.15 -12.42
CA ASP A 400 -5.02 -12.42 -13.46
C ASP A 400 -3.71 -11.86 -12.89
N MET A 401 -2.77 -12.79 -12.72
CA MET A 401 -1.38 -12.48 -12.42
C MET A 401 -0.51 -13.51 -13.10
N GLU A 402 0.66 -13.07 -13.55
CA GLU A 402 1.66 -14.00 -14.06
C GLU A 402 2.26 -14.78 -12.87
N ILE A 403 2.79 -15.96 -13.16
CA ILE A 403 3.42 -16.80 -12.13
C ILE A 403 4.94 -16.78 -12.29
N LEU A 404 5.64 -16.49 -11.19
CA LEU A 404 7.11 -16.42 -11.17
C LEU A 404 7.71 -17.46 -10.22
N TRP A 405 8.89 -17.95 -10.57
CA TRP A 405 9.68 -18.78 -9.65
C TRP A 405 10.94 -18.01 -9.24
N ASN A 406 10.82 -17.23 -8.16
CA ASN A 406 11.91 -16.42 -7.62
C ASN A 406 11.90 -16.42 -6.09
N ASP A 407 13.04 -16.14 -5.48
CA ASP A 407 13.11 -16.03 -4.03
C ASP A 407 12.91 -14.58 -3.54
N PHE A 408 11.78 -13.99 -3.93
CA PHE A 408 11.34 -12.69 -3.44
C PHE A 408 9.89 -12.44 -3.85
N SER A 409 9.20 -11.58 -3.11
CA SER A 409 7.81 -11.23 -3.45
C SER A 409 7.81 -10.14 -4.51
N SER A 410 6.76 -10.12 -5.33
CA SER A 410 6.62 -9.13 -6.40
CA SER A 410 6.61 -9.12 -6.38
C SER A 410 5.13 -8.89 -6.63
N SER A 411 4.72 -7.62 -6.62
CA SER A 411 3.32 -7.27 -6.81
C SER A 411 2.92 -7.43 -8.27
N GLY A 412 1.68 -7.83 -8.51
CA GLY A 412 1.22 -8.19 -9.84
C GLY A 412 1.51 -9.64 -10.19
N PHE A 413 2.04 -10.42 -9.24
CA PHE A 413 2.48 -11.78 -9.53
C PHE A 413 2.19 -12.76 -8.39
N ILE A 414 2.06 -14.04 -8.76
CA ILE A 414 2.09 -15.14 -7.82
C ILE A 414 3.51 -15.67 -7.80
N THR A 415 4.12 -15.76 -6.62
CA THR A 415 5.52 -16.15 -6.51
C THR A 415 5.70 -17.46 -5.74
N PHE A 416 6.31 -18.44 -6.42
CA PHE A 416 6.67 -19.71 -5.83
C PHE A 416 8.18 -19.77 -5.68
N PHE A 417 8.63 -20.40 -4.60
CA PHE A 417 10.03 -20.81 -4.46
C PHE A 417 10.15 -21.88 -3.39
N ASP A 418 10.93 -22.92 -3.70
CA ASP A 418 11.14 -24.01 -2.77
C ASP A 418 9.80 -24.52 -2.21
N ASN A 419 8.89 -24.84 -3.13
CA ASN A 419 7.69 -25.58 -2.80
C ASN A 419 7.84 -26.97 -3.42
N PRO A 420 7.50 -28.03 -2.65
CA PRO A 420 7.70 -29.38 -3.16
C PRO A 420 6.53 -29.80 -4.06
N LEU A 421 6.32 -29.07 -5.15
CA LEU A 421 5.16 -29.28 -6.02
C LEU A 421 5.23 -30.60 -6.77
N GLU A 422 4.08 -31.26 -6.86
CA GLU A 422 3.96 -32.55 -7.53
C GLU A 422 3.00 -32.55 -8.70
N SER A 423 1.84 -31.91 -8.55
CA SER A 423 0.77 -32.04 -9.55
C SER A 423 1.17 -31.27 -10.80
N PRO A 424 1.08 -29.91 -10.79
CA PRO A 424 2.03 -29.34 -11.74
C PRO A 424 3.38 -29.35 -11.05
N PRO A 425 4.36 -30.12 -11.56
CA PRO A 425 5.67 -30.08 -10.92
C PRO A 425 6.38 -28.77 -11.26
N PRO A 426 7.44 -28.42 -10.50
CA PRO A 426 8.10 -27.13 -10.70
C PRO A 426 8.49 -26.85 -12.15
N GLU A 427 8.95 -27.87 -12.85
CA GLU A 427 9.35 -27.71 -14.26
C GLU A 427 8.25 -27.08 -15.13
N ILE A 428 6.99 -27.31 -14.78
CA ILE A 428 5.88 -26.66 -15.49
C ILE A 428 5.66 -25.25 -14.96
N VAL A 429 5.68 -25.11 -13.63
CA VAL A 429 5.43 -23.82 -12.97
C VAL A 429 6.46 -22.75 -13.33
N LYS A 430 7.72 -23.14 -13.44
CA LYS A 430 8.79 -22.23 -13.88
C LYS A 430 8.58 -21.67 -15.29
N GLN A 431 7.79 -22.34 -16.12
CA GLN A 431 7.54 -21.90 -17.49
C GLN A 431 6.52 -20.75 -17.61
N GLY A 432 5.68 -20.55 -16.60
CA GLY A 432 4.74 -19.43 -16.57
C GLY A 432 3.26 -19.81 -16.61
N LYS A 433 2.41 -18.78 -16.55
CA LYS A 433 0.95 -18.94 -16.46
C LYS A 433 0.37 -19.80 -17.59
N GLU A 434 0.87 -19.64 -18.80
CA GLU A 434 0.32 -20.35 -19.94
C GLU A 434 0.69 -21.84 -19.94
N ALA A 435 1.92 -22.15 -19.55
CA ALA A 435 2.32 -23.55 -19.41
C ALA A 435 1.45 -24.27 -18.38
N VAL A 436 1.16 -23.58 -17.26
CA VAL A 436 0.30 -24.13 -16.21
C VAL A 436 -1.13 -24.34 -16.71
N ARG A 437 -1.64 -23.37 -17.47
CA ARG A 437 -2.98 -23.49 -18.05
C ARG A 437 -3.05 -24.71 -18.99
N GLN A 438 -2.07 -24.83 -19.88
CA GLN A 438 -2.02 -25.94 -20.85
C GLN A 438 -1.83 -27.30 -20.20
N TYR A 439 -1.08 -27.35 -19.11
CA TYR A 439 -0.93 -28.57 -18.34
C TYR A 439 -2.30 -29.06 -17.87
N PHE A 440 -3.05 -28.18 -17.22
CA PHE A 440 -4.41 -28.51 -16.76
C PHE A 440 -5.37 -28.75 -17.93
N GLN A 441 -5.18 -28.02 -19.02
CA GLN A 441 -6.04 -28.16 -20.20
C GLN A 441 -5.84 -29.53 -20.85
N SER A 442 -4.58 -29.95 -20.94
CA SER A 442 -4.24 -31.22 -21.59
C SER A 442 -4.76 -32.44 -20.83
N ILE A 443 -5.10 -32.27 -19.56
CA ILE A 443 -5.65 -33.37 -18.76
C ILE A 443 -7.16 -33.25 -18.54
N GLU A 444 -7.72 -32.05 -18.77
CA GLU A 444 -9.17 -31.86 -18.78
C GLU A 444 -9.75 -32.36 -20.09
N GLU A 445 -9.13 -31.96 -21.21
CA GLU A 445 -9.63 -32.31 -22.53
C GLU A 445 -9.43 -33.80 -22.87
N ALA A 446 -8.50 -34.45 -22.17
CA ALA A 446 -8.33 -35.91 -22.27
C ALA A 446 -9.22 -36.67 -21.28
N ARG A 447 -10.03 -35.93 -20.51
CA ARG A 447 -10.97 -36.50 -19.56
C ARG A 447 -12.37 -36.54 -20.18
N SER B 8 -30.93 -38.06 20.59
CA SER B 8 -31.00 -36.61 20.31
C SER B 8 -30.04 -36.18 19.20
N ASP B 9 -30.13 -34.92 18.79
CA ASP B 9 -29.27 -34.38 17.74
C ASP B 9 -27.79 -34.41 18.14
N LEU B 10 -27.49 -34.01 19.37
CA LEU B 10 -26.12 -34.04 19.88
C LEU B 10 -25.51 -35.45 19.85
N ASP B 11 -26.35 -36.47 20.04
CA ASP B 11 -25.89 -37.87 19.93
C ASP B 11 -25.52 -38.21 18.49
N VAL B 12 -26.27 -37.68 17.53
CA VAL B 12 -26.01 -37.92 16.11
C VAL B 12 -24.69 -37.28 15.68
N ILE B 13 -24.38 -36.11 16.25
CA ILE B 13 -23.08 -35.47 16.02
C ILE B 13 -21.96 -36.37 16.53
N ARG B 14 -22.12 -36.87 17.76
CA ARG B 14 -21.19 -37.84 18.35
C ARG B 14 -21.02 -39.08 17.45
N GLN B 15 -22.10 -39.48 16.78
CA GLN B 15 -22.06 -40.60 15.84
C GLN B 15 -21.24 -40.26 14.59
N ILE B 16 -21.41 -39.04 14.08
CA ILE B 16 -20.64 -38.58 12.93
C ILE B 16 -19.16 -38.45 13.31
N GLU B 17 -18.90 -37.86 14.46
CA GLU B 17 -17.53 -37.71 14.98
C GLU B 17 -16.82 -39.06 15.10
N GLN B 18 -17.54 -40.07 15.58
CA GLN B 18 -16.98 -41.43 15.68
C GLN B 18 -16.71 -42.04 14.31
N GLU B 19 -17.68 -41.94 13.41
CA GLU B 19 -17.59 -42.56 12.09
C GLU B 19 -16.42 -42.02 11.26
N LEU B 20 -16.30 -40.70 11.20
CA LEU B 20 -15.25 -40.04 10.43
C LEU B 20 -13.94 -39.93 11.23
N GLY B 21 -14.05 -40.02 12.56
CA GLY B 21 -12.89 -39.94 13.44
C GLY B 21 -12.36 -38.53 13.56
N MET B 22 -13.25 -37.58 13.82
CA MET B 22 -12.88 -36.17 13.88
C MET B 22 -13.63 -35.42 14.98
N GLN B 23 -13.33 -34.13 15.09
CA GLN B 23 -14.01 -33.23 16.00
C GLN B 23 -14.93 -32.30 15.22
N LEU B 24 -16.17 -32.17 15.69
CA LEU B 24 -17.08 -31.12 15.24
C LEU B 24 -17.37 -30.23 16.43
N GLU B 25 -17.23 -28.93 16.23
CA GLU B 25 -17.33 -27.96 17.32
C GLU B 25 -18.55 -27.08 17.12
N PRO B 26 -19.18 -26.64 18.22
CA PRO B 26 -20.28 -25.69 18.03
C PRO B 26 -19.79 -24.42 17.34
N VAL B 27 -20.64 -23.82 16.52
CA VAL B 27 -20.37 -22.51 15.95
C VAL B 27 -21.65 -21.68 16.06
N ASP B 28 -21.49 -20.37 16.14
CA ASP B 28 -22.62 -19.45 16.18
C ASP B 28 -23.14 -19.22 14.76
N LYS B 29 -22.25 -19.28 13.78
CA LYS B 29 -22.62 -19.21 12.38
C LYS B 29 -21.77 -20.13 11.53
N LEU B 30 -22.41 -20.90 10.65
CA LEU B 30 -21.70 -21.82 9.76
C LEU B 30 -21.08 -21.05 8.59
N LYS B 31 -19.78 -21.27 8.39
CA LYS B 31 -19.06 -20.75 7.23
C LYS B 31 -18.84 -21.92 6.28
N TRP B 32 -18.51 -21.62 5.02
CA TRP B 32 -18.25 -22.68 4.03
C TRP B 32 -17.12 -23.63 4.42
N TYR B 33 -16.20 -23.17 5.28
CA TYR B 33 -15.03 -23.96 5.69
C TYR B 33 -15.16 -24.57 7.09
N SER B 34 -16.34 -24.45 7.71
CA SER B 34 -16.54 -24.89 9.09
C SER B 34 -16.44 -26.41 9.24
N LYS B 35 -15.89 -26.84 10.37
CA LYS B 35 -15.96 -28.24 10.80
C LYS B 35 -16.77 -28.30 12.10
N GLY B 36 -18.09 -28.26 11.99
CA GLY B 36 -18.94 -28.13 13.16
C GLY B 36 -20.41 -27.94 12.86
N TYR B 37 -21.13 -27.38 13.84
CA TYR B 37 -22.59 -27.30 13.81
C TYR B 37 -23.14 -26.08 14.55
N LYS B 38 -24.35 -25.67 14.19
CA LYS B 38 -25.09 -24.67 14.95
C LYS B 38 -26.29 -25.33 15.61
N LEU B 39 -26.59 -24.95 16.85
CA LEU B 39 -27.70 -25.51 17.61
C LEU B 39 -28.91 -24.58 17.69
N ASP B 40 -30.09 -25.20 17.79
CA ASP B 40 -31.36 -24.51 17.90
C ASP B 40 -31.58 -24.08 19.35
N LYS B 41 -32.64 -23.30 19.56
CA LYS B 41 -33.09 -22.93 20.90
C LYS B 41 -33.49 -24.19 21.67
N ASP B 42 -34.02 -25.16 20.93
CA ASP B 42 -34.46 -26.44 21.48
C ASP B 42 -33.40 -27.53 21.30
N GLN B 43 -32.12 -27.14 21.38
CA GLN B 43 -30.99 -28.08 21.30
C GLN B 43 -30.98 -28.97 20.04
N ARG B 44 -31.42 -28.40 18.91
CA ARG B 44 -31.49 -29.11 17.62
C ARG B 44 -30.47 -28.58 16.62
N VAL B 45 -30.00 -29.44 15.72
CA VAL B 45 -28.99 -29.05 14.74
C VAL B 45 -29.63 -28.52 13.46
N THR B 46 -29.44 -27.24 13.20
CA THR B 46 -29.94 -26.60 11.99
C THR B 46 -28.86 -26.39 10.91
N ALA B 47 -27.59 -26.60 11.27
CA ALA B 47 -26.48 -26.39 10.35
C ALA B 47 -25.31 -27.32 10.69
N ILE B 48 -24.64 -27.83 9.67
CA ILE B 48 -23.47 -28.69 9.86
C ILE B 48 -22.45 -28.55 8.71
N GLY B 49 -21.18 -28.44 9.07
CA GLY B 49 -20.10 -28.28 8.10
C GLY B 49 -19.09 -29.41 8.23
N LEU B 50 -18.80 -30.07 7.11
CA LEU B 50 -17.83 -31.15 7.07
C LEU B 50 -16.73 -30.81 6.06
N TYR B 51 -16.18 -29.61 6.20
CA TYR B 51 -15.15 -29.09 5.31
C TYR B 51 -13.87 -29.94 5.32
N ASP B 52 -13.38 -30.28 4.13
CA ASP B 52 -12.06 -30.88 3.95
C ASP B 52 -11.84 -32.21 4.70
N CYS B 53 -12.83 -33.11 4.65
CA CYS B 53 -12.73 -34.41 5.30
C CYS B 53 -12.31 -35.52 4.31
N GLY B 54 -12.96 -35.58 3.16
CA GLY B 54 -12.57 -36.55 2.12
C GLY B 54 -13.70 -36.94 1.19
N SER B 55 -13.34 -37.48 0.03
CA SER B 55 -14.30 -37.90 -1.02
C SER B 55 -15.29 -38.96 -0.53
N ASP B 56 -14.90 -39.66 0.53
CA ASP B 56 -15.73 -40.66 1.18
C ASP B 56 -16.91 -40.05 1.95
N THR B 57 -16.70 -38.85 2.47
CA THR B 57 -17.53 -38.31 3.54
C THR B 57 -19.05 -38.40 3.35
N LEU B 58 -19.55 -38.08 2.16
CA LEU B 58 -21.00 -37.99 1.94
C LEU B 58 -21.67 -39.36 2.07
N ASP B 59 -21.09 -40.36 1.43
CA ASP B 59 -21.63 -41.72 1.46
C ASP B 59 -21.71 -42.28 2.88
N ARG B 60 -20.76 -41.90 3.72
CA ARG B 60 -20.63 -42.48 5.06
C ARG B 60 -21.56 -41.88 6.12
N ILE B 61 -21.99 -40.63 5.95
CA ILE B 61 -22.85 -40.01 6.96
C ILE B 61 -24.20 -39.49 6.41
N ILE B 62 -24.55 -39.86 5.20
CA ILE B 62 -25.84 -39.45 4.66
C ILE B 62 -27.00 -39.82 5.60
N GLN B 63 -26.95 -41.02 6.19
CA GLN B 63 -28.06 -41.50 7.05
C GLN B 63 -28.17 -40.69 8.33
N PRO B 64 -27.04 -40.46 9.04
CA PRO B 64 -27.10 -39.53 10.18
C PRO B 64 -27.59 -38.12 9.80
N LEU B 65 -27.24 -37.65 8.61
CA LEU B 65 -27.75 -36.37 8.10
C LEU B 65 -29.27 -36.40 7.89
N GLU B 66 -29.80 -37.54 7.46
CA GLU B 66 -31.25 -37.71 7.30
C GLU B 66 -32.01 -37.63 8.63
N SER B 67 -31.37 -38.04 9.73
CA SER B 67 -32.04 -38.03 11.04
C SER B 67 -32.08 -36.64 11.67
N LEU B 68 -31.29 -35.71 11.13
CA LEU B 68 -31.33 -34.31 11.60
C LEU B 68 -32.48 -33.58 10.93
N LYS B 69 -33.67 -33.73 11.52
CA LYS B 69 -34.92 -33.24 10.91
C LYS B 69 -34.95 -31.75 10.63
N SER B 70 -34.22 -30.97 11.43
CA SER B 70 -34.20 -29.51 11.28
C SER B 70 -32.98 -28.97 10.53
N LEU B 71 -32.30 -29.82 9.78
CA LEU B 71 -31.08 -29.43 9.08
C LEU B 71 -31.42 -28.64 7.81
N SER B 72 -30.95 -27.40 7.74
CA SER B 72 -31.20 -26.54 6.58
C SER B 72 -29.93 -26.02 5.87
N GLU B 73 -28.75 -26.25 6.45
CA GLU B 73 -27.48 -25.77 5.88
C GLU B 73 -26.41 -26.85 5.98
N LEU B 74 -25.80 -27.20 4.85
CA LEU B 74 -24.81 -28.26 4.77
C LEU B 74 -23.59 -27.72 4.04
N SER B 75 -22.39 -27.96 4.57
CA SER B 75 -21.18 -27.68 3.80
C SER B 75 -20.38 -28.96 3.56
N LEU B 76 -20.25 -29.31 2.29
CA LEU B 76 -19.37 -30.39 1.83
C LEU B 76 -18.24 -29.83 0.96
N SER B 77 -17.77 -28.63 1.30
CA SER B 77 -16.70 -27.96 0.55
C SER B 77 -15.37 -28.71 0.58
N SER B 78 -14.66 -28.69 -0.54
CA SER B 78 -13.29 -29.16 -0.63
C SER B 78 -13.08 -30.61 -0.18
N ASN B 79 -14.07 -31.47 -0.48
CA ASN B 79 -13.99 -32.90 -0.16
C ASN B 79 -13.61 -33.78 -1.35
N GLN B 80 -13.49 -33.19 -2.53
CA GLN B 80 -13.20 -33.94 -3.76
C GLN B 80 -14.27 -34.99 -4.04
N ILE B 81 -15.52 -34.65 -3.72
CA ILE B 81 -16.64 -35.54 -3.95
C ILE B 81 -16.84 -35.68 -5.45
N THR B 82 -17.17 -36.90 -5.86
CA THR B 82 -17.29 -37.28 -7.26
C THR B 82 -18.76 -37.48 -7.66
N ASP B 83 -19.60 -37.85 -6.69
CA ASP B 83 -21.02 -38.16 -6.92
C ASP B 83 -21.84 -37.69 -5.72
N ILE B 84 -22.90 -36.93 -5.96
CA ILE B 84 -23.68 -36.31 -4.88
C ILE B 84 -25.10 -36.88 -4.81
N SER B 85 -25.26 -38.08 -5.36
CA SER B 85 -26.55 -38.78 -5.38
C SER B 85 -27.25 -38.87 -4.01
N PRO B 86 -26.49 -39.20 -2.94
CA PRO B 86 -27.14 -39.31 -1.62
C PRO B 86 -27.84 -38.04 -1.13
N LEU B 87 -27.45 -36.87 -1.65
CA LEU B 87 -28.05 -35.59 -1.22
C LEU B 87 -29.55 -35.46 -1.52
N ALA B 88 -30.03 -36.16 -2.54
CA ALA B 88 -31.45 -36.12 -2.91
C ALA B 88 -32.39 -36.39 -1.72
N SER B 89 -31.94 -37.19 -0.76
CA SER B 89 -32.72 -37.53 0.43
C SER B 89 -32.96 -36.37 1.39
N LEU B 90 -32.11 -35.35 1.35
CA LEU B 90 -32.29 -34.18 2.19
C LEU B 90 -33.28 -33.23 1.53
N ASN B 91 -34.31 -32.80 2.26
CA ASN B 91 -35.41 -32.04 1.68
C ASN B 91 -35.39 -30.56 2.02
N SER B 92 -35.27 -30.27 3.31
CA SER B 92 -35.42 -28.91 3.82
C SER B 92 -34.15 -28.07 3.78
N LEU B 93 -33.17 -28.46 2.97
CA LEU B 93 -31.95 -27.66 2.77
C LEU B 93 -32.28 -26.35 2.07
N SER B 94 -31.87 -25.25 2.67
CA SER B 94 -31.92 -23.93 2.02
C SER B 94 -30.53 -23.39 1.65
N MET B 95 -29.47 -23.94 2.26
CA MET B 95 -28.09 -23.55 1.95
C MET B 95 -27.20 -24.77 1.77
N LEU B 96 -26.46 -24.81 0.66
CA LEU B 96 -25.57 -25.92 0.35
C LEU B 96 -24.27 -25.45 -0.30
N TRP B 97 -23.13 -25.84 0.31
CA TRP B 97 -21.81 -25.60 -0.26
C TRP B 97 -21.23 -26.90 -0.80
N LEU B 98 -21.03 -26.96 -2.11
CA LEU B 98 -20.40 -28.10 -2.78
C LEU B 98 -19.21 -27.66 -3.62
N ASP B 99 -18.68 -26.47 -3.34
CA ASP B 99 -17.52 -25.94 -4.05
C ASP B 99 -16.28 -26.83 -3.84
N ARG B 100 -15.38 -26.80 -4.82
CA ARG B 100 -14.04 -27.40 -4.72
C ARG B 100 -14.04 -28.93 -4.58
N ASN B 101 -15.05 -29.55 -5.16
CA ASN B 101 -15.10 -31.01 -5.28
C ASN B 101 -14.72 -31.42 -6.71
N GLN B 102 -15.20 -32.58 -7.15
CA GLN B 102 -14.98 -33.06 -8.52
C GLN B 102 -16.32 -33.43 -9.14
N ILE B 103 -17.34 -32.60 -8.89
CA ILE B 103 -18.68 -32.91 -9.37
C ILE B 103 -18.78 -32.66 -10.87
N THR B 104 -19.41 -33.61 -11.54
CA THR B 104 -19.61 -33.57 -12.98
C THR B 104 -21.11 -33.65 -13.31
N ASP B 105 -21.87 -34.38 -12.48
CA ASP B 105 -23.30 -34.61 -12.66
C ASP B 105 -24.05 -34.02 -11.47
N ILE B 106 -24.95 -33.10 -11.73
CA ILE B 106 -25.70 -32.41 -10.67
C ILE B 106 -27.21 -32.70 -10.70
N ALA B 107 -27.61 -33.70 -11.49
CA ALA B 107 -29.01 -34.12 -11.54
C ALA B 107 -29.66 -34.32 -10.15
N PRO B 108 -28.94 -34.92 -9.19
CA PRO B 108 -29.51 -35.10 -7.85
C PRO B 108 -29.95 -33.82 -7.13
N LEU B 109 -29.43 -32.67 -7.56
CA LEU B 109 -29.80 -31.40 -6.93
C LEU B 109 -31.22 -30.93 -7.28
N ALA B 110 -31.80 -31.48 -8.34
CA ALA B 110 -33.13 -31.06 -8.81
C ALA B 110 -34.23 -31.24 -7.76
N SER B 111 -34.09 -32.28 -6.93
CA SER B 111 -35.06 -32.59 -5.88
C SER B 111 -35.04 -31.63 -4.68
N LEU B 112 -34.05 -30.75 -4.61
CA LEU B 112 -33.87 -29.85 -3.46
C LEU B 112 -34.54 -28.51 -3.74
N ASN B 113 -35.87 -28.52 -3.78
CA ASN B 113 -36.66 -27.34 -4.17
C ASN B 113 -36.50 -26.11 -3.29
N SER B 114 -36.24 -26.32 -2.00
CA SER B 114 -36.13 -25.21 -1.05
C SER B 114 -34.75 -24.56 -1.00
N LEU B 115 -33.83 -24.99 -1.86
CA LEU B 115 -32.50 -24.38 -1.91
C LEU B 115 -32.57 -22.89 -2.25
N SER B 116 -31.95 -22.10 -1.40
CA SER B 116 -31.85 -20.66 -1.57
C SER B 116 -30.43 -20.23 -1.94
N MET B 117 -29.44 -20.95 -1.40
CA MET B 117 -28.03 -20.69 -1.70
C MET B 117 -27.35 -21.97 -2.16
N LEU B 118 -26.64 -21.87 -3.28
CA LEU B 118 -25.93 -23.01 -3.86
C LEU B 118 -24.56 -22.56 -4.37
N TRP B 119 -23.52 -23.18 -3.81
CA TRP B 119 -22.15 -22.93 -4.24
C TRP B 119 -21.65 -24.19 -4.93
N LEU B 120 -21.25 -24.04 -6.20
CA LEU B 120 -20.67 -25.13 -6.97
C LEU B 120 -19.35 -24.71 -7.62
N PHE B 121 -18.72 -23.68 -7.07
CA PHE B 121 -17.42 -23.18 -7.53
C PHE B 121 -16.37 -24.29 -7.63
N GLY B 122 -15.61 -24.33 -8.73
CA GLY B 122 -14.45 -25.22 -8.84
C GLY B 122 -14.74 -26.71 -8.96
N ASN B 123 -15.64 -27.05 -9.86
CA ASN B 123 -15.98 -28.44 -10.16
C ASN B 123 -15.73 -28.67 -11.66
N LYS B 124 -16.37 -29.68 -12.25
CA LYS B 124 -16.18 -29.98 -13.67
C LYS B 124 -17.53 -30.06 -14.40
N ILE B 125 -18.45 -29.20 -13.98
CA ILE B 125 -19.82 -29.22 -14.48
C ILE B 125 -19.95 -28.57 -15.86
N SER B 126 -20.65 -29.24 -16.76
CA SER B 126 -21.01 -28.67 -18.07
C SER B 126 -22.52 -28.68 -18.33
N ASP B 127 -23.25 -29.62 -17.73
CA ASP B 127 -24.70 -29.67 -17.89
C ASP B 127 -25.37 -29.16 -16.62
N ILE B 128 -26.03 -28.00 -16.73
CA ILE B 128 -26.72 -27.37 -15.61
C ILE B 128 -28.25 -27.34 -15.79
N ALA B 129 -28.74 -28.09 -16.77
CA ALA B 129 -30.19 -28.31 -16.94
C ALA B 129 -30.91 -28.70 -15.64
N PRO B 130 -30.30 -29.58 -14.81
CA PRO B 130 -30.94 -29.95 -13.54
C PRO B 130 -31.34 -28.78 -12.61
N LEU B 131 -30.76 -27.60 -12.80
CA LEU B 131 -31.01 -26.46 -11.93
C LEU B 131 -32.31 -25.70 -12.24
N GLU B 132 -32.88 -25.93 -13.43
CA GLU B 132 -34.09 -25.23 -13.90
C GLU B 132 -35.22 -25.16 -12.87
N SER B 133 -35.42 -26.26 -12.15
CA SER B 133 -36.54 -26.38 -11.21
C SER B 133 -36.29 -25.67 -9.86
N LEU B 134 -35.04 -25.31 -9.58
CA LEU B 134 -34.70 -24.72 -8.28
C LEU B 134 -35.00 -23.22 -8.23
N LYS B 135 -36.28 -22.88 -8.32
CA LYS B 135 -36.71 -21.49 -8.51
C LYS B 135 -36.72 -20.67 -7.22
N SER B 136 -36.23 -21.25 -6.13
CA SER B 136 -36.07 -20.54 -4.86
C SER B 136 -34.68 -19.95 -4.69
N LEU B 137 -33.77 -20.25 -5.63
CA LEU B 137 -32.39 -19.76 -5.58
C LEU B 137 -32.30 -18.25 -5.73
N THR B 138 -31.63 -17.60 -4.78
CA THR B 138 -31.28 -16.18 -4.89
C THR B 138 -29.78 -15.97 -5.13
N GLU B 139 -28.96 -16.84 -4.53
CA GLU B 139 -27.50 -16.79 -4.69
C GLU B 139 -27.00 -18.11 -5.28
N LEU B 140 -26.31 -18.03 -6.43
CA LEU B 140 -25.81 -19.21 -7.14
C LEU B 140 -24.38 -18.99 -7.65
N GLN B 141 -23.45 -19.82 -7.19
CA GLN B 141 -22.02 -19.69 -7.52
C GLN B 141 -21.61 -20.84 -8.45
N LEU B 142 -21.36 -20.53 -9.73
CA LEU B 142 -21.00 -21.53 -10.73
C LEU B 142 -19.67 -21.24 -11.44
N SER B 143 -18.86 -20.36 -10.84
CA SER B 143 -17.55 -20.04 -11.42
C SER B 143 -16.59 -21.24 -11.42
N SER B 144 -15.64 -21.22 -12.36
CA SER B 144 -14.64 -22.30 -12.55
C SER B 144 -15.23 -23.69 -12.75
N ASN B 145 -15.98 -23.82 -13.85
CA ASN B 145 -16.56 -25.08 -14.28
C ASN B 145 -16.32 -25.22 -15.80
N GLN B 146 -17.15 -25.99 -16.51
CA GLN B 146 -16.99 -26.16 -17.97
C GLN B 146 -18.33 -25.90 -18.69
N ILE B 147 -18.96 -24.78 -18.34
CA ILE B 147 -20.30 -24.48 -18.82
C ILE B 147 -20.20 -23.67 -20.10
N THR B 148 -20.98 -24.09 -21.11
CA THR B 148 -21.17 -23.31 -22.33
C THR B 148 -22.61 -22.79 -22.45
N ASP B 149 -23.57 -23.66 -22.12
CA ASP B 149 -25.00 -23.37 -22.30
C ASP B 149 -25.68 -22.99 -20.99
N ILE B 150 -26.12 -21.73 -20.87
CA ILE B 150 -26.76 -21.25 -19.64
C ILE B 150 -28.27 -21.02 -19.80
N ALA B 151 -28.85 -21.58 -20.86
CA ALA B 151 -30.31 -21.56 -21.08
C ALA B 151 -31.10 -21.97 -19.84
N PRO B 152 -30.67 -23.04 -19.13
CA PRO B 152 -31.38 -23.47 -17.93
C PRO B 152 -31.61 -22.41 -16.85
N LEU B 153 -30.78 -21.38 -16.79
CA LEU B 153 -30.90 -20.35 -15.75
C LEU B 153 -32.05 -19.37 -15.99
N ALA B 154 -32.54 -19.30 -17.23
CA ALA B 154 -33.56 -18.30 -17.62
C ALA B 154 -34.78 -18.22 -16.69
N SER B 155 -35.19 -19.37 -16.14
CA SER B 155 -36.39 -19.44 -15.30
C SER B 155 -36.15 -19.13 -13.80
N LEU B 156 -34.88 -18.99 -13.40
CA LEU B 156 -34.51 -18.70 -12.01
C LEU B 156 -34.62 -17.21 -11.71
N LYS B 157 -35.82 -16.67 -11.86
CA LYS B 157 -36.05 -15.23 -11.79
C LYS B 157 -35.92 -14.62 -10.39
N SER B 158 -35.71 -15.44 -9.37
CA SER B 158 -35.45 -14.93 -8.01
C SER B 158 -33.96 -14.68 -7.73
N LEU B 159 -33.09 -15.03 -8.67
CA LEU B 159 -31.64 -14.82 -8.50
C LEU B 159 -31.27 -13.34 -8.31
N THR B 160 -30.52 -13.07 -7.24
CA THR B 160 -29.96 -11.74 -6.97
C THR B 160 -28.43 -11.70 -7.16
N GLU B 161 -27.77 -12.81 -6.84
CA GLU B 161 -26.33 -12.95 -7.01
C GLU B 161 -26.03 -14.16 -7.87
N LEU B 162 -25.33 -13.93 -8.99
CA LEU B 162 -24.91 -15.01 -9.89
C LEU B 162 -23.43 -14.86 -10.23
N SER B 163 -22.69 -15.96 -10.20
CA SER B 163 -21.29 -15.99 -10.62
C SER B 163 -21.09 -17.09 -11.65
N LEU B 164 -20.55 -16.72 -12.81
CA LEU B 164 -20.31 -17.63 -13.92
C LEU B 164 -18.91 -17.45 -14.51
N SER B 165 -18.00 -16.88 -13.73
CA SER B 165 -16.64 -16.65 -14.19
C SER B 165 -15.88 -17.97 -14.40
N GLY B 166 -14.93 -17.97 -15.34
CA GLY B 166 -14.09 -19.15 -15.58
C GLY B 166 -14.80 -20.32 -16.25
N ASN B 167 -15.62 -20.00 -17.25
CA ASN B 167 -16.40 -20.99 -17.98
C ASN B 167 -16.14 -20.83 -19.49
N ASN B 168 -16.98 -21.42 -20.35
CA ASN B 168 -16.81 -21.36 -21.81
C ASN B 168 -18.01 -20.69 -22.50
N ILE B 169 -18.50 -19.60 -21.92
CA ILE B 169 -19.76 -18.99 -22.35
C ILE B 169 -19.52 -17.92 -23.43
N SER B 170 -20.33 -17.97 -24.47
CA SER B 170 -20.35 -16.91 -25.48
C SER B 170 -21.74 -16.28 -25.59
N ASP B 171 -22.80 -17.07 -25.42
CA ASP B 171 -24.17 -16.59 -25.54
C ASP B 171 -24.78 -16.35 -24.16
N ILE B 172 -25.08 -15.11 -23.83
CA ILE B 172 -25.63 -14.76 -22.51
C ILE B 172 -27.07 -14.23 -22.58
N ALA B 173 -27.76 -14.52 -23.67
CA ALA B 173 -29.16 -14.10 -23.84
C ALA B 173 -30.10 -14.61 -22.75
N PRO B 174 -29.85 -15.83 -22.21
CA PRO B 174 -30.71 -16.36 -21.13
C PRO B 174 -30.73 -15.55 -19.83
N LEU B 175 -29.77 -14.65 -19.65
CA LEU B 175 -29.71 -13.82 -18.45
C LEU B 175 -30.67 -12.63 -18.52
N GLU B 176 -31.16 -12.31 -19.71
CA GLU B 176 -32.02 -11.15 -19.92
C GLU B 176 -33.24 -11.07 -19.00
N SER B 177 -33.79 -12.22 -18.62
CA SER B 177 -35.01 -12.29 -17.82
C SER B 177 -34.77 -12.24 -16.30
N LEU B 178 -33.51 -12.15 -15.89
CA LEU B 178 -33.15 -12.21 -14.47
C LEU B 178 -33.02 -10.79 -13.88
N LYS B 179 -34.14 -10.07 -13.84
CA LYS B 179 -34.13 -8.64 -13.54
C LYS B 179 -33.92 -8.28 -12.06
N SER B 180 -33.96 -9.26 -11.17
CA SER B 180 -33.63 -8.98 -9.76
C SER B 180 -32.14 -9.10 -9.43
N LEU B 181 -31.30 -9.30 -10.46
CA LEU B 181 -29.87 -9.50 -10.28
C LEU B 181 -29.19 -8.19 -9.86
N THR B 182 -28.50 -8.22 -8.70
CA THR B 182 -27.71 -7.07 -8.23
C THR B 182 -26.20 -7.29 -8.42
N GLU B 183 -25.78 -8.55 -8.40
CA GLU B 183 -24.37 -8.89 -8.60
C GLU B 183 -24.21 -9.99 -9.66
N LEU B 184 -23.33 -9.74 -10.63
CA LEU B 184 -23.12 -10.67 -11.73
C LEU B 184 -21.65 -10.73 -12.14
N SER B 185 -21.06 -11.93 -12.13
CA SER B 185 -19.66 -12.14 -12.53
C SER B 185 -19.60 -13.06 -13.73
N LEU B 186 -18.96 -12.57 -14.80
CA LEU B 186 -18.87 -13.30 -16.07
C LEU B 186 -17.45 -13.19 -16.63
N SER B 187 -16.47 -12.99 -15.76
CA SER B 187 -15.09 -12.83 -16.22
CA SER B 187 -15.07 -12.84 -16.19
C SER B 187 -14.54 -14.15 -16.74
N SER B 188 -13.54 -14.05 -17.63
CA SER B 188 -12.84 -15.20 -18.22
C SER B 188 -13.77 -16.18 -18.96
N ASN B 189 -14.50 -15.65 -19.93
CA ASN B 189 -15.35 -16.46 -20.79
C ASN B 189 -15.02 -16.16 -22.28
N GLN B 190 -15.98 -16.34 -23.18
CA GLN B 190 -15.79 -16.08 -24.62
C GLN B 190 -16.84 -15.11 -25.13
N ILE B 191 -17.12 -14.09 -24.33
CA ILE B 191 -18.24 -13.21 -24.63
C ILE B 191 -17.81 -12.09 -25.56
N THR B 192 -18.68 -11.79 -26.52
CA THR B 192 -18.55 -10.64 -27.39
C THR B 192 -19.76 -9.71 -27.26
N ASP B 193 -20.96 -10.29 -27.23
CA ASP B 193 -22.19 -9.52 -27.28
C ASP B 193 -22.79 -9.46 -25.89
N ILE B 194 -22.87 -8.26 -25.32
CA ILE B 194 -23.46 -8.06 -23.99
C ILE B 194 -24.81 -7.33 -24.06
N ALA B 195 -25.42 -7.33 -25.24
CA ALA B 195 -26.76 -6.75 -25.43
C ALA B 195 -27.78 -7.21 -24.39
N PRO B 196 -27.77 -8.49 -24.02
CA PRO B 196 -28.80 -8.95 -23.06
C PRO B 196 -28.73 -8.36 -21.66
N LEU B 197 -27.60 -7.74 -21.31
CA LEU B 197 -27.42 -7.14 -19.98
C LEU B 197 -28.12 -5.80 -19.84
N ALA B 198 -28.56 -5.21 -20.94
CA ALA B 198 -29.22 -3.90 -20.91
C ALA B 198 -30.49 -3.89 -20.04
N SER B 199 -31.11 -5.05 -19.86
CA SER B 199 -32.36 -5.16 -19.12
C SER B 199 -32.19 -5.25 -17.60
N LEU B 200 -30.95 -5.42 -17.12
CA LEU B 200 -30.69 -5.74 -15.72
C LEU B 200 -30.35 -4.49 -14.89
N LYS B 201 -31.37 -3.66 -14.66
CA LYS B 201 -31.17 -2.29 -14.17
C LYS B 201 -30.98 -2.16 -12.66
N SER B 202 -31.12 -3.23 -11.91
CA SER B 202 -30.78 -3.21 -10.50
C SER B 202 -29.34 -3.69 -10.20
N LEU B 203 -28.55 -3.96 -11.24
CA LEU B 203 -27.13 -4.36 -11.05
C LEU B 203 -26.33 -3.24 -10.40
N THR B 204 -25.63 -3.58 -9.32
CA THR B 204 -24.71 -2.66 -8.66
C THR B 204 -23.25 -3.08 -8.85
N GLU B 205 -23.03 -4.37 -9.14
CA GLU B 205 -21.69 -4.93 -9.34
C GLU B 205 -21.68 -5.84 -10.57
N LEU B 206 -20.77 -5.56 -11.51
CA LEU B 206 -20.66 -6.34 -12.75
C LEU B 206 -19.20 -6.53 -13.13
N SER B 207 -18.83 -7.79 -13.38
CA SER B 207 -17.48 -8.15 -13.82
C SER B 207 -17.56 -8.84 -15.17
N LEU B 208 -16.87 -8.30 -16.15
CA LEU B 208 -16.79 -8.88 -17.49
C LEU B 208 -15.35 -8.94 -17.99
N SER B 209 -14.39 -8.95 -17.08
CA SER B 209 -12.97 -8.94 -17.45
CA SER B 209 -12.98 -8.94 -17.46
C SER B 209 -12.57 -10.19 -18.23
N SER B 210 -11.52 -10.08 -19.04
CA SER B 210 -11.00 -11.22 -19.82
C SER B 210 -12.05 -11.88 -20.73
N ASN B 211 -12.69 -11.07 -21.56
CA ASN B 211 -13.57 -11.57 -22.60
C ASN B 211 -13.08 -10.99 -23.93
N GLN B 212 -13.94 -10.96 -24.95
CA GLN B 212 -13.61 -10.31 -26.22
C GLN B 212 -14.62 -9.21 -26.51
N ILE B 213 -14.90 -8.37 -25.52
CA ILE B 213 -15.92 -7.34 -25.66
C ILE B 213 -15.34 -6.09 -26.32
N SER B 214 -16.10 -5.54 -27.26
CA SER B 214 -15.75 -4.30 -27.95
C SER B 214 -16.81 -3.23 -27.76
N ASP B 215 -18.08 -3.62 -27.81
CA ASP B 215 -19.20 -2.71 -27.69
C ASP B 215 -19.81 -2.80 -26.29
N ILE B 216 -19.67 -1.73 -25.52
CA ILE B 216 -20.24 -1.64 -24.17
C ILE B 216 -21.43 -0.68 -24.11
N ALA B 217 -22.03 -0.40 -25.27
CA ALA B 217 -23.24 0.42 -25.33
C ALA B 217 -24.38 -0.15 -24.48
N PRO B 218 -24.51 -1.49 -24.42
CA PRO B 218 -25.57 -2.04 -23.58
C PRO B 218 -25.46 -1.72 -22.08
N LEU B 219 -24.32 -1.22 -21.62
CA LEU B 219 -24.16 -0.84 -20.22
C LEU B 219 -24.79 0.52 -19.92
N GLU B 220 -25.12 1.25 -20.97
CA GLU B 220 -25.61 2.64 -20.90
C GLU B 220 -26.66 2.90 -19.83
N SER B 221 -27.65 2.02 -19.73
CA SER B 221 -28.81 2.24 -18.86
C SER B 221 -28.66 1.67 -17.45
N LEU B 222 -27.50 1.10 -17.13
CA LEU B 222 -27.30 0.46 -15.81
C LEU B 222 -26.91 1.48 -14.74
N LYS B 223 -27.85 2.36 -14.44
CA LYS B 223 -27.58 3.55 -13.62
C LYS B 223 -27.23 3.24 -12.15
N SER B 224 -27.59 2.07 -11.64
CA SER B 224 -27.27 1.71 -10.24
C SER B 224 -25.89 1.09 -10.05
N LEU B 225 -25.09 1.03 -11.11
CA LEU B 225 -23.79 0.36 -11.06
C LEU B 225 -22.81 1.19 -10.21
N THR B 226 -22.19 0.54 -9.23
CA THR B 226 -21.17 1.18 -8.40
C THR B 226 -19.79 0.57 -8.59
N GLU B 227 -19.74 -0.70 -9.00
CA GLU B 227 -18.47 -1.38 -9.25
C GLU B 227 -18.54 -2.07 -10.61
N LEU B 228 -17.61 -1.75 -11.50
CA LEU B 228 -17.61 -2.29 -12.86
C LEU B 228 -16.21 -2.70 -13.30
N GLN B 229 -16.03 -3.98 -13.63
CA GLN B 229 -14.72 -4.49 -14.06
C GLN B 229 -14.78 -4.97 -15.53
N LEU B 230 -14.07 -4.27 -16.41
CA LEU B 230 -14.05 -4.55 -17.85
C LEU B 230 -12.63 -4.77 -18.39
N SER B 231 -11.71 -5.12 -17.50
CA SER B 231 -10.30 -5.28 -17.89
C SER B 231 -10.10 -6.39 -18.90
N ARG B 232 -9.03 -6.28 -19.69
CA ARG B 232 -8.64 -7.33 -20.66
C ARG B 232 -9.75 -7.65 -21.67
N ASN B 233 -10.09 -6.63 -22.47
CA ASN B 233 -11.08 -6.75 -23.54
C ASN B 233 -10.55 -5.97 -24.75
N GLN B 234 -11.41 -5.59 -25.68
CA GLN B 234 -10.99 -4.78 -26.83
C GLN B 234 -11.82 -3.51 -26.93
N ILE B 235 -11.95 -2.82 -25.80
CA ILE B 235 -12.79 -1.62 -25.71
C ILE B 235 -11.99 -0.39 -26.12
N SER B 236 -12.57 0.39 -27.02
CA SER B 236 -11.98 1.66 -27.47
C SER B 236 -12.86 2.85 -27.15
N ASP B 237 -14.17 2.68 -27.27
CA ASP B 237 -15.15 3.74 -27.01
C ASP B 237 -15.81 3.49 -25.65
N ILE B 238 -15.61 4.42 -24.73
CA ILE B 238 -16.19 4.32 -23.38
C ILE B 238 -17.24 5.40 -23.08
N ALA B 239 -17.78 6.01 -24.13
CA ALA B 239 -18.85 7.01 -23.98
C ALA B 239 -20.11 6.45 -23.31
N PRO B 240 -20.41 5.15 -23.51
CA PRO B 240 -21.56 4.59 -22.80
C PRO B 240 -21.47 4.62 -21.26
N LEU B 241 -20.27 4.79 -20.72
CA LEU B 241 -20.09 4.88 -19.26
C LEU B 241 -20.43 6.26 -18.70
N GLU B 242 -20.63 7.23 -19.59
CA GLU B 242 -20.77 8.63 -19.20
C GLU B 242 -21.92 8.86 -18.21
N SER B 243 -22.99 8.08 -18.33
CA SER B 243 -24.18 8.25 -17.51
C SER B 243 -24.22 7.37 -16.25
N LEU B 244 -23.15 6.61 -16.01
CA LEU B 244 -23.08 5.74 -14.85
C LEU B 244 -22.55 6.50 -13.63
N LYS B 245 -23.37 7.46 -13.15
CA LYS B 245 -22.94 8.45 -12.17
C LYS B 245 -22.62 7.88 -10.78
N SER B 246 -23.25 6.77 -10.43
CA SER B 246 -23.04 6.16 -9.12
C SER B 246 -21.74 5.34 -9.02
N LEU B 247 -20.94 5.33 -10.09
CA LEU B 247 -19.74 4.49 -10.14
C LEU B 247 -18.67 4.92 -9.15
N THR B 248 -18.18 3.94 -8.40
CA THR B 248 -17.22 4.15 -7.33
C THR B 248 -15.87 3.51 -7.67
N GLU B 249 -15.88 2.29 -8.21
CA GLU B 249 -14.65 1.68 -8.71
C GLU B 249 -14.84 1.22 -10.16
N LEU B 250 -13.85 1.53 -11.00
CA LEU B 250 -13.92 1.20 -12.42
C LEU B 250 -12.57 0.66 -12.86
N GLN B 251 -12.58 -0.49 -13.53
CA GLN B 251 -11.35 -1.09 -14.02
C GLN B 251 -11.44 -1.31 -15.53
N LEU B 252 -10.49 -0.68 -16.24
CA LEU B 252 -10.48 -0.67 -17.71
C LEU B 252 -9.10 -0.96 -18.27
N SER B 253 -8.28 -1.66 -17.50
CA SER B 253 -6.91 -1.98 -17.92
C SER B 253 -6.89 -2.94 -19.10
N SER B 254 -5.81 -2.88 -19.87
CA SER B 254 -5.60 -3.76 -21.03
C SER B 254 -6.78 -3.73 -22.02
N ASN B 255 -7.10 -2.53 -22.48
CA ASN B 255 -8.08 -2.34 -23.55
C ASN B 255 -7.42 -1.54 -24.66
N GLN B 256 -8.19 -0.82 -25.47
CA GLN B 256 -7.62 -0.02 -26.58
C GLN B 256 -8.08 1.44 -26.47
N ILE B 257 -8.05 1.96 -25.25
CA ILE B 257 -8.61 3.27 -24.95
C ILE B 257 -7.58 4.35 -25.18
N THR B 258 -8.03 5.45 -25.80
CA THR B 258 -7.23 6.66 -25.90
C THR B 258 -7.99 7.81 -25.25
N ASP B 259 -9.25 7.99 -25.67
CA ASP B 259 -10.05 9.13 -25.23
C ASP B 259 -10.82 8.82 -23.94
N ILE B 260 -10.37 9.40 -22.83
CA ILE B 260 -11.06 9.22 -21.54
C ILE B 260 -11.96 10.39 -21.16
N ALA B 261 -12.29 11.25 -22.11
CA ALA B 261 -13.15 12.42 -21.87
C ALA B 261 -14.51 12.07 -21.24
N PRO B 262 -15.11 10.93 -21.64
CA PRO B 262 -16.37 10.49 -21.00
C PRO B 262 -16.29 10.24 -19.49
N LEU B 263 -15.10 9.97 -18.95
CA LEU B 263 -14.94 9.73 -17.52
C LEU B 263 -15.14 10.98 -16.67
N ALA B 264 -14.94 12.16 -17.26
CA ALA B 264 -14.93 13.44 -16.52
C ALA B 264 -16.17 13.70 -15.65
N SER B 265 -17.30 13.11 -16.03
CA SER B 265 -18.56 13.30 -15.30
C SER B 265 -18.80 12.30 -14.16
N LEU B 266 -17.90 11.31 -14.01
CA LEU B 266 -18.07 10.28 -12.99
C LEU B 266 -17.43 10.71 -11.67
N LYS B 267 -18.10 11.64 -10.99
CA LYS B 267 -17.53 12.29 -9.82
C LYS B 267 -17.59 11.46 -8.53
N SER B 268 -18.22 10.29 -8.56
CA SER B 268 -18.23 9.40 -7.40
C SER B 268 -17.05 8.41 -7.42
N LEU B 269 -16.23 8.46 -8.47
CA LEU B 269 -15.11 7.51 -8.63
C LEU B 269 -14.02 7.69 -7.57
N THR B 270 -13.73 6.62 -6.84
CA THR B 270 -12.66 6.59 -5.84
C THR B 270 -11.50 5.69 -6.24
N GLU B 271 -11.79 4.64 -7.01
CA GLU B 271 -10.74 3.78 -7.58
C GLU B 271 -10.89 3.72 -9.09
N LEU B 272 -9.80 3.97 -9.81
CA LEU B 272 -9.82 3.93 -11.27
C LEU B 272 -8.55 3.33 -11.85
N GLN B 273 -8.69 2.27 -12.64
CA GLN B 273 -7.55 1.62 -13.26
C GLN B 273 -7.65 1.65 -14.80
N LEU B 274 -6.65 2.27 -15.42
CA LEU B 274 -6.59 2.45 -16.87
C LEU B 274 -5.24 2.00 -17.41
N SER B 275 -4.64 0.99 -16.77
CA SER B 275 -3.33 0.50 -17.16
C SER B 275 -3.32 -0.10 -18.58
N ARG B 276 -2.16 -0.02 -19.25
CA ARG B 276 -1.94 -0.66 -20.54
C ARG B 276 -2.99 -0.34 -21.60
N ASN B 277 -3.26 0.96 -21.77
CA ASN B 277 -4.09 1.48 -22.85
C ASN B 277 -3.21 2.34 -23.77
N GLN B 278 -3.79 3.32 -24.47
CA GLN B 278 -3.01 4.27 -25.29
C GLN B 278 -3.31 5.73 -24.96
N ILE B 279 -3.48 6.01 -23.67
CA ILE B 279 -3.88 7.34 -23.23
C ILE B 279 -2.66 8.25 -23.24
N SER B 280 -2.83 9.48 -23.72
CA SER B 280 -1.81 10.52 -23.59
C SER B 280 -2.33 11.78 -22.88
N ASP B 281 -3.62 12.07 -23.00
CA ASP B 281 -4.24 13.25 -22.36
C ASP B 281 -5.10 12.85 -21.14
N ILE B 282 -4.66 13.23 -19.94
CA ILE B 282 -5.42 12.95 -18.71
C ILE B 282 -6.13 14.16 -18.10
N ALA B 283 -6.32 15.21 -18.91
CA ALA B 283 -7.09 16.38 -18.49
C ALA B 283 -8.48 16.06 -17.92
N PRO B 284 -9.17 15.05 -18.49
CA PRO B 284 -10.52 14.71 -17.99
C PRO B 284 -10.58 14.14 -16.56
N LEU B 285 -9.46 13.73 -15.97
CA LEU B 285 -9.43 13.26 -14.58
C LEU B 285 -9.52 14.41 -13.59
N GLU B 286 -9.14 15.61 -14.06
CA GLU B 286 -9.01 16.82 -13.25
C GLU B 286 -10.12 17.10 -12.22
N SER B 287 -11.36 16.77 -12.59
CA SER B 287 -12.51 17.02 -11.72
C SER B 287 -12.93 15.80 -10.88
N LEU B 288 -12.14 14.73 -10.88
CA LEU B 288 -12.46 13.53 -10.12
C LEU B 288 -11.87 13.64 -8.72
N ASN B 289 -12.49 14.51 -7.92
CA ASN B 289 -11.88 14.95 -6.67
C ASN B 289 -11.92 13.94 -5.52
N SER B 290 -12.74 12.90 -5.64
CA SER B 290 -12.76 11.82 -4.64
C SER B 290 -11.81 10.68 -4.95
N LEU B 291 -11.03 10.81 -6.02
CA LEU B 291 -10.17 9.72 -6.50
C LEU B 291 -9.05 9.45 -5.48
N SER B 292 -8.96 8.19 -5.02
CA SER B 292 -7.97 7.78 -4.02
CA SER B 292 -7.95 7.80 -4.02
C SER B 292 -6.90 6.86 -4.60
N LYS B 293 -7.32 5.89 -5.41
CA LYS B 293 -6.39 4.98 -6.08
C LYS B 293 -6.52 5.16 -7.59
N LEU B 294 -5.40 5.43 -8.24
CA LEU B 294 -5.37 5.70 -9.66
C LEU B 294 -4.20 4.95 -10.30
N TRP B 295 -4.52 4.07 -11.24
CA TRP B 295 -3.51 3.29 -11.98
C TRP B 295 -3.50 3.72 -13.44
N LEU B 296 -2.37 4.31 -13.87
CA LEU B 296 -2.21 4.83 -15.23
C LEU B 296 -0.95 4.30 -15.93
N ASN B 297 -0.39 3.21 -15.41
CA ASN B 297 0.83 2.65 -15.99
C ASN B 297 0.63 2.09 -17.40
N GLY B 298 1.69 2.15 -18.22
CA GLY B 298 1.67 1.56 -19.55
C GLY B 298 0.88 2.34 -20.60
N ASN B 299 1.03 3.66 -20.59
CA ASN B 299 0.29 4.53 -21.50
C ASN B 299 1.27 5.42 -22.27
N GLN B 300 0.82 6.54 -22.79
CA GLN B 300 1.73 7.51 -23.42
C GLN B 300 1.58 8.90 -22.80
N ILE B 301 1.61 8.92 -21.47
CA ILE B 301 1.46 10.17 -20.72
C ILE B 301 2.82 10.85 -20.60
N THR B 302 2.83 12.16 -20.87
CA THR B 302 3.98 13.01 -20.63
C THR B 302 3.59 14.10 -19.62
N ASP B 303 2.50 14.80 -19.90
CA ASP B 303 2.01 15.88 -19.05
C ASP B 303 1.18 15.32 -17.91
N ILE B 304 1.57 15.65 -16.68
CA ILE B 304 0.91 15.14 -15.49
C ILE B 304 0.20 16.22 -14.67
N ALA B 305 0.18 17.44 -15.20
CA ALA B 305 -0.40 18.60 -14.50
C ALA B 305 -1.86 18.43 -14.02
N PRO B 306 -2.69 17.66 -14.74
CA PRO B 306 -4.08 17.44 -14.30
C PRO B 306 -4.26 16.65 -12.99
N LEU B 307 -3.19 16.08 -12.44
CA LEU B 307 -3.26 15.37 -11.16
C LEU B 307 -3.13 16.27 -9.93
N ALA B 308 -2.71 17.53 -10.15
CA ALA B 308 -2.37 18.44 -9.04
C ALA B 308 -3.53 18.75 -8.09
N SER B 309 -4.76 18.65 -8.61
CA SER B 309 -5.97 18.98 -7.86
C SER B 309 -6.67 17.76 -7.27
N LEU B 310 -6.05 16.59 -7.37
CA LEU B 310 -6.63 15.34 -6.91
C LEU B 310 -6.10 15.00 -5.52
N ASN B 311 -6.55 15.78 -4.54
CA ASN B 311 -5.95 15.76 -3.22
C ASN B 311 -6.39 14.61 -2.34
N SER B 312 -7.38 13.84 -2.78
CA SER B 312 -7.75 12.59 -2.09
C SER B 312 -6.82 11.39 -2.44
N LEU B 313 -5.91 11.56 -3.41
CA LEU B 313 -5.03 10.46 -3.86
C LEU B 313 -4.12 9.90 -2.75
N THR B 314 -4.21 8.58 -2.53
CA THR B 314 -3.33 7.86 -1.62
C THR B 314 -2.42 6.87 -2.33
N GLU B 315 -2.85 6.39 -3.49
CA GLU B 315 -2.10 5.41 -4.26
C GLU B 315 -2.09 5.81 -5.72
N LEU B 316 -0.91 5.94 -6.31
CA LEU B 316 -0.77 6.44 -7.67
C LEU B 316 0.28 5.67 -8.44
N GLU B 317 -0.17 5.02 -9.50
CA GLU B 317 0.66 4.18 -10.33
C GLU B 317 0.88 4.86 -11.68
N LEU B 318 2.10 5.30 -11.96
CA LEU B 318 2.43 6.01 -13.20
C LEU B 318 3.61 5.43 -13.96
N SER B 319 3.92 4.15 -13.73
CA SER B 319 5.05 3.50 -14.38
C SER B 319 4.87 3.42 -15.89
N SER B 320 5.98 3.27 -16.61
CA SER B 320 5.98 3.09 -18.06
C SER B 320 5.16 4.14 -18.82
N ASN B 321 5.57 5.40 -18.68
CA ASN B 321 5.03 6.48 -19.49
C ASN B 321 6.21 7.30 -20.02
N GLN B 322 6.00 8.56 -20.40
CA GLN B 322 7.10 9.41 -20.84
C GLN B 322 7.11 10.69 -20.03
N ILE B 323 7.07 10.54 -18.70
CA ILE B 323 7.00 11.67 -17.79
C ILE B 323 8.40 12.22 -17.52
N THR B 324 8.53 13.55 -17.53
CA THR B 324 9.77 14.24 -17.17
C THR B 324 9.59 15.12 -15.92
N ASP B 325 8.49 15.86 -15.88
CA ASP B 325 8.25 16.84 -14.82
C ASP B 325 7.35 16.26 -13.74
N ILE B 326 7.86 16.19 -12.53
CA ILE B 326 7.16 15.58 -11.41
C ILE B 326 6.56 16.62 -10.44
N ALA B 327 6.79 17.90 -10.74
CA ALA B 327 6.36 19.00 -9.85
C ALA B 327 4.85 19.03 -9.51
N PRO B 328 3.98 18.62 -10.46
CA PRO B 328 2.54 18.62 -10.14
C PRO B 328 2.12 17.70 -8.99
N LEU B 329 2.97 16.74 -8.63
CA LEU B 329 2.70 15.84 -7.52
C LEU B 329 2.91 16.50 -6.15
N ALA B 330 3.70 17.58 -6.12
CA ALA B 330 4.07 18.28 -4.87
C ALA B 330 2.92 18.53 -3.89
N SER B 331 1.76 18.91 -4.44
CA SER B 331 0.58 19.23 -3.63
C SER B 331 -0.05 18.05 -2.87
N LEU B 332 0.22 16.82 -3.29
CA LEU B 332 -0.55 15.66 -2.86
C LEU B 332 -0.10 15.13 -1.49
N LYS B 333 -0.66 15.72 -0.43
CA LYS B 333 -0.20 15.48 0.94
C LYS B 333 -0.66 14.16 1.55
N SER B 334 -1.67 13.53 0.95
CA SER B 334 -2.16 12.22 1.40
C SER B 334 -1.55 11.04 0.62
N LEU B 335 -0.78 11.33 -0.42
CA LEU B 335 -0.17 10.28 -1.24
C LEU B 335 0.84 9.47 -0.42
N SER B 336 0.61 8.17 -0.30
CA SER B 336 1.48 7.29 0.48
C SER B 336 2.19 6.20 -0.35
N THR B 337 1.57 5.78 -1.45
CA THR B 337 2.23 4.86 -2.39
C THR B 337 2.34 5.50 -3.78
N LEU B 338 3.55 5.52 -4.31
CA LEU B 338 3.83 6.20 -5.58
C LEU B 338 4.80 5.39 -6.44
N TRP B 339 4.30 4.95 -7.61
CA TRP B 339 5.10 4.17 -8.54
C TRP B 339 5.42 5.02 -9.78
N LEU B 340 6.70 5.26 -10.02
CA LEU B 340 7.14 6.11 -11.13
C LEU B 340 8.20 5.43 -12.01
N SER B 341 8.31 4.11 -11.92
CA SER B 341 9.30 3.34 -12.68
C SER B 341 9.18 3.57 -14.19
N SER B 342 10.30 3.46 -14.89
CA SER B 342 10.33 3.52 -16.36
C SER B 342 9.66 4.79 -16.92
N ASN B 343 10.29 5.92 -16.66
CA ASN B 343 9.91 7.21 -17.20
C ASN B 343 11.18 7.97 -17.62
N GLN B 344 11.13 9.30 -17.71
CA GLN B 344 12.30 10.11 -18.08
C GLN B 344 12.55 11.20 -17.06
N ILE B 345 12.51 10.82 -15.78
CA ILE B 345 12.61 11.75 -14.67
C ILE B 345 14.07 11.95 -14.27
N SER B 346 14.53 13.20 -14.24
CA SER B 346 15.91 13.50 -13.83
C SER B 346 16.02 14.27 -12.51
N ASP B 347 14.89 14.63 -11.91
CA ASP B 347 14.89 15.50 -10.72
C ASP B 347 13.66 15.23 -9.85
N ILE B 348 13.88 14.91 -8.57
CA ILE B 348 12.77 14.60 -7.64
C ILE B 348 12.67 15.59 -6.47
N ALA B 349 13.18 16.81 -6.68
CA ALA B 349 13.14 17.83 -5.63
C ALA B 349 11.70 18.09 -5.16
N PRO B 350 10.73 18.17 -6.09
CA PRO B 350 9.34 18.39 -5.69
C PRO B 350 8.72 17.34 -4.78
N LEU B 351 9.30 16.14 -4.72
CA LEU B 351 8.76 15.06 -3.89
C LEU B 351 9.04 15.24 -2.40
N ALA B 352 9.90 16.20 -2.05
CA ALA B 352 10.19 16.50 -0.64
C ALA B 352 8.95 16.90 0.16
N SER B 353 7.94 17.44 -0.51
CA SER B 353 6.70 17.85 0.17
C SER B 353 5.68 16.72 0.40
N LEU B 354 6.02 15.49 0.02
CA LEU B 354 5.09 14.37 0.16
C LEU B 354 5.22 13.74 1.55
N GLU B 355 4.60 14.42 2.52
CA GLU B 355 4.76 14.09 3.93
C GLU B 355 4.23 12.70 4.34
N SER B 356 3.21 12.21 3.64
CA SER B 356 2.62 10.90 3.95
C SER B 356 3.18 9.74 3.12
N LEU B 357 4.24 9.99 2.35
CA LEU B 357 4.78 8.98 1.45
C LEU B 357 5.50 7.85 2.19
N SER B 358 5.13 6.59 1.91
CA SER B 358 5.79 5.45 2.57
C SER B 358 6.26 4.32 1.65
N GLU B 359 5.76 4.25 0.42
CA GLU B 359 6.31 3.33 -0.59
C GLU B 359 6.53 4.08 -1.91
N LEU B 360 7.78 4.10 -2.37
CA LEU B 360 8.14 4.84 -3.57
C LEU B 360 9.04 4.01 -4.48
N SER B 361 8.65 3.88 -5.73
CA SER B 361 9.51 3.25 -6.74
C SER B 361 9.92 4.24 -7.82
N LEU B 362 11.23 4.41 -8.01
CA LEU B 362 11.79 5.34 -8.99
C LEU B 362 12.72 4.67 -10.01
N SER B 363 12.67 3.34 -10.07
CA SER B 363 13.60 2.58 -10.90
C SER B 363 13.50 2.92 -12.39
N SER B 364 14.60 2.75 -13.11
CA SER B 364 14.66 3.02 -14.55
C SER B 364 14.25 4.45 -14.88
N ASN B 365 14.96 5.40 -14.28
CA ASN B 365 14.82 6.82 -14.59
C ASN B 365 16.20 7.46 -14.74
N GLN B 366 16.28 8.78 -14.77
CA GLN B 366 17.54 9.48 -15.02
C GLN B 366 18.01 10.31 -13.81
N ILE B 367 17.74 9.81 -12.60
CA ILE B 367 17.96 10.56 -11.36
C ILE B 367 19.34 10.31 -10.75
N SER B 368 20.04 11.39 -10.40
CA SER B 368 21.37 11.30 -9.80
C SER B 368 21.36 11.71 -8.32
N ASP B 369 20.52 12.66 -7.94
CA ASP B 369 20.46 13.15 -6.54
C ASP B 369 19.17 12.70 -5.84
N ILE B 370 19.28 11.77 -4.88
CA ILE B 370 18.13 11.31 -4.10
C ILE B 370 18.04 11.94 -2.69
N SER B 371 18.81 12.99 -2.42
CA SER B 371 18.79 13.64 -1.12
C SER B 371 17.49 14.37 -0.78
N PRO B 372 16.72 14.85 -1.79
CA PRO B 372 15.46 15.50 -1.46
C PRO B 372 14.49 14.67 -0.61
N LEU B 373 14.68 13.35 -0.58
CA LEU B 373 13.83 12.48 0.22
C LEU B 373 14.24 12.40 1.69
N ALA B 374 15.35 13.02 2.06
CA ALA B 374 15.98 12.84 3.37
C ALA B 374 15.04 13.01 4.56
N SER B 375 14.14 13.99 4.50
CA SER B 375 13.25 14.28 5.63
C SER B 375 11.85 13.62 5.53
N LEU B 376 11.69 12.68 4.60
CA LEU B 376 10.48 11.86 4.57
C LEU B 376 10.60 10.72 5.58
N ASN B 377 10.18 10.99 6.80
CA ASN B 377 10.44 10.08 7.93
C ASN B 377 9.55 8.82 8.02
N SER B 378 8.49 8.72 7.21
CA SER B 378 7.67 7.51 7.21
C SER B 378 7.87 6.64 5.95
N LEU B 379 8.92 6.93 5.18
CA LEU B 379 9.34 6.06 4.08
C LEU B 379 9.78 4.71 4.64
N THR B 380 8.99 3.67 4.36
CA THR B 380 9.35 2.31 4.78
C THR B 380 9.81 1.43 3.61
N GLY B 381 9.82 1.97 2.40
CA GLY B 381 10.29 1.21 1.24
C GLY B 381 10.57 2.10 0.05
N PHE B 382 11.78 2.01 -0.49
CA PHE B 382 12.08 2.75 -1.71
CA PHE B 382 12.27 2.88 -1.57
C PHE B 382 13.12 2.10 -2.60
N ASP B 383 12.88 2.29 -3.89
CA ASP B 383 13.54 1.53 -4.96
C ASP B 383 14.08 2.51 -6.00
N VAL B 384 15.40 2.48 -6.20
CA VAL B 384 16.09 3.37 -7.13
C VAL B 384 17.10 2.62 -8.01
N ARG B 385 16.77 1.38 -8.35
CA ARG B 385 17.56 0.61 -9.31
C ARG B 385 17.56 1.30 -10.66
N ARG B 386 18.66 1.16 -11.39
CA ARG B 386 18.78 1.71 -12.76
C ARG B 386 18.52 3.20 -12.83
N ASN B 387 19.29 3.94 -12.04
CA ASN B 387 19.36 5.39 -12.12
C ASN B 387 20.84 5.78 -12.07
N PRO B 388 21.23 6.88 -12.74
CA PRO B 388 22.63 7.34 -12.76
C PRO B 388 23.05 8.01 -11.45
N ILE B 389 22.96 7.24 -10.36
CA ILE B 389 23.33 7.72 -9.05
C ILE B 389 24.79 7.39 -8.81
N LYS B 390 25.58 8.44 -8.58
CA LYS B 390 27.01 8.32 -8.39
C LYS B 390 27.37 8.44 -6.90
N ARG B 391 26.60 9.24 -6.17
CA ARG B 391 26.96 9.70 -4.84
C ARG B 391 25.75 9.67 -3.90
N LEU B 392 25.82 8.84 -2.86
CA LEU B 392 24.73 8.75 -1.86
C LEU B 392 24.85 9.83 -0.79
N PRO B 393 23.72 10.41 -0.36
CA PRO B 393 23.76 11.35 0.77
C PRO B 393 23.93 10.60 2.09
N GLU B 394 24.53 11.28 3.07
CA GLU B 394 24.74 10.69 4.40
C GLU B 394 23.45 10.18 5.02
N THR B 395 22.36 10.90 4.79
CA THR B 395 21.07 10.58 5.40
C THR B 395 20.43 9.27 4.90
N ILE B 396 21.05 8.63 3.92
CA ILE B 396 20.55 7.35 3.38
C ILE B 396 20.42 6.26 4.45
N THR B 397 21.26 6.35 5.49
CA THR B 397 21.22 5.42 6.62
C THR B 397 20.26 5.87 7.73
N GLY B 398 19.65 7.04 7.57
CA GLY B 398 18.84 7.62 8.64
C GLY B 398 17.42 7.09 8.73
N PHE B 399 16.97 6.41 7.69
CA PHE B 399 15.59 5.94 7.63
C PHE B 399 15.38 4.68 8.46
N ASP B 400 14.11 4.34 8.72
CA ASP B 400 13.77 3.03 9.27
C ASP B 400 13.70 2.03 8.11
N MET B 401 14.84 1.81 7.46
CA MET B 401 14.92 0.95 6.28
C MET B 401 16.34 0.39 6.19
N GLU B 402 16.44 -0.90 5.93
CA GLU B 402 17.73 -1.54 5.66
C GLU B 402 18.10 -1.28 4.21
N ILE B 403 19.36 -1.58 3.84
CA ILE B 403 19.85 -1.37 2.48
C ILE B 403 20.27 -2.68 1.82
N LEU B 404 19.80 -2.89 0.60
CA LEU B 404 20.09 -4.08 -0.19
C LEU B 404 20.62 -3.69 -1.57
N TRP B 405 21.52 -4.53 -2.11
CA TRP B 405 21.90 -4.48 -3.51
C TRP B 405 21.33 -5.73 -4.15
N ASN B 406 20.22 -5.58 -4.87
CA ASN B 406 19.39 -6.68 -5.36
C ASN B 406 18.51 -6.20 -6.49
N ASP B 407 18.28 -7.05 -7.49
CA ASP B 407 17.49 -6.65 -8.66
C ASP B 407 15.98 -6.81 -8.46
N PHE B 408 15.47 -6.26 -7.35
CA PHE B 408 14.05 -6.26 -7.07
C PHE B 408 13.73 -5.29 -5.94
N SER B 409 12.50 -4.79 -5.92
CA SER B 409 12.04 -3.94 -4.83
C SER B 409 11.52 -4.82 -3.69
N SER B 410 11.61 -4.30 -2.48
CA SER B 410 11.16 -5.03 -1.30
C SER B 410 10.72 -4.06 -0.22
N SER B 411 9.51 -4.25 0.31
CA SER B 411 9.01 -3.41 1.41
CA SER B 411 9.01 -3.41 1.41
C SER B 411 9.91 -3.59 2.63
N GLY B 412 10.23 -2.49 3.29
CA GLY B 412 11.12 -2.50 4.45
C GLY B 412 12.54 -2.11 4.10
N PHE B 413 12.86 -2.03 2.81
CA PHE B 413 14.23 -1.87 2.34
C PHE B 413 14.41 -0.74 1.33
N ILE B 414 15.63 -0.22 1.29
CA ILE B 414 16.12 0.61 0.19
C ILE B 414 16.87 -0.34 -0.73
N THR B 415 16.52 -0.33 -2.02
CA THR B 415 17.08 -1.30 -2.97
C THR B 415 17.82 -0.62 -4.10
N PHE B 416 19.10 -0.96 -4.24
CA PHE B 416 19.94 -0.48 -5.32
C PHE B 416 20.29 -1.65 -6.24
N PHE B 417 20.39 -1.36 -7.54
CA PHE B 417 20.97 -2.29 -8.51
C PHE B 417 21.23 -1.51 -9.80
N ASP B 418 22.30 -1.86 -10.51
CA ASP B 418 22.77 -1.11 -11.69
C ASP B 418 22.75 0.42 -11.48
N ASN B 419 23.46 0.84 -10.45
CA ASN B 419 23.74 2.25 -10.24
C ASN B 419 25.26 2.44 -10.30
N PRO B 420 25.74 3.41 -11.09
CA PRO B 420 27.19 3.61 -11.18
C PRO B 420 27.73 4.35 -9.96
N LEU B 421 27.68 3.70 -8.80
CA LEU B 421 28.05 4.32 -7.53
C LEU B 421 29.56 4.44 -7.38
N GLU B 422 30.01 5.63 -6.97
CA GLU B 422 31.41 5.89 -6.69
C GLU B 422 31.59 6.07 -5.19
N SER B 423 30.92 7.08 -4.63
CA SER B 423 31.16 7.52 -3.25
C SER B 423 31.12 6.33 -2.27
N PRO B 424 29.93 5.84 -1.86
CA PRO B 424 30.03 4.47 -1.37
C PRO B 424 29.90 3.49 -2.54
N PRO B 425 30.97 2.76 -2.90
CA PRO B 425 30.91 1.89 -4.07
C PRO B 425 29.95 0.73 -3.87
N PRO B 426 29.50 0.11 -4.99
CA PRO B 426 28.58 -1.01 -4.86
C PRO B 426 29.02 -2.01 -3.80
N GLU B 427 30.30 -2.38 -3.79
CA GLU B 427 30.81 -3.41 -2.87
C GLU B 427 30.52 -3.11 -1.40
N ILE B 428 30.69 -1.86 -0.99
CA ILE B 428 30.41 -1.44 0.39
C ILE B 428 28.90 -1.39 0.65
N VAL B 429 28.14 -0.91 -0.32
CA VAL B 429 26.68 -0.85 -0.19
C VAL B 429 26.05 -2.24 -0.01
N LYS B 430 26.57 -3.25 -0.70
CA LYS B 430 26.01 -4.62 -0.55
C LYS B 430 26.33 -5.28 0.80
N GLN B 431 27.28 -4.72 1.54
CA GLN B 431 27.55 -5.19 2.90
C GLN B 431 26.44 -4.75 3.87
N GLY B 432 25.73 -3.68 3.52
CA GLY B 432 24.54 -3.25 4.25
C GLY B 432 24.61 -1.86 4.85
N LYS B 433 23.62 -1.55 5.67
CA LYS B 433 23.41 -0.22 6.25
C LYS B 433 24.58 0.26 7.10
N GLU B 434 25.07 -0.59 7.99
CA GLU B 434 26.13 -0.17 8.92
C GLU B 434 27.47 0.02 8.23
N ALA B 435 27.76 -0.80 7.22
CA ALA B 435 28.99 -0.62 6.43
C ALA B 435 28.97 0.73 5.70
N VAL B 436 27.80 1.11 5.19
CA VAL B 436 27.63 2.42 4.58
C VAL B 436 27.83 3.53 5.62
N ARG B 437 27.26 3.34 6.82
CA ARG B 437 27.44 4.32 7.89
C ARG B 437 28.91 4.45 8.25
N GLN B 438 29.60 3.31 8.34
CA GLN B 438 31.04 3.30 8.65
C GLN B 438 31.86 4.05 7.60
N TYR B 439 31.44 3.96 6.34
CA TYR B 439 32.13 4.66 5.26
C TYR B 439 32.06 6.18 5.45
N PHE B 440 30.86 6.69 5.71
CA PHE B 440 30.68 8.14 5.90
C PHE B 440 31.34 8.66 7.19
N GLN B 441 31.36 7.83 8.23
CA GLN B 441 31.96 8.21 9.53
C GLN B 441 33.47 8.39 9.46
N SER B 442 34.15 7.44 8.83
CA SER B 442 35.60 7.50 8.66
C SER B 442 36.04 8.77 7.93
N ILE B 443 35.22 9.23 6.99
CA ILE B 443 35.48 10.47 6.25
C ILE B 443 35.29 11.71 7.11
N GLU B 444 34.27 11.73 7.96
CA GLU B 444 34.02 12.87 8.84
C GLU B 444 35.20 13.08 9.81
N GLU B 445 35.57 12.03 10.52
CA GLU B 445 36.59 12.09 11.57
C GLU B 445 38.03 12.21 11.06
N ALA B 446 38.26 11.85 9.80
CA ALA B 446 39.54 12.11 9.14
C ALA B 446 39.63 13.59 8.73
N ARG B 447 38.52 14.15 8.25
CA ARG B 447 38.42 15.56 7.88
C ARG B 447 37.81 16.38 9.01
#